data_5IS5
#
_entry.id   5IS5
#
_cell.length_a   141.460
_cell.length_b   64.320
_cell.length_c   116.640
_cell.angle_alpha   90.00
_cell.angle_beta   103.20
_cell.angle_gamma   90.00
#
_symmetry.space_group_name_H-M   'C 1 2 1'
#
loop_
_entity.id
_entity.type
_entity.pdbx_description
1 polymer 'Phosphatidylinositol 4,5-bisphosphate 3-kinase catalytic subunit delta isoform'
2 non-polymer 5-{4-[3-(4-acetylpiperazine-1-carbonyl)phenyl]quinazolin-6-yl}-2-methoxypyridine-3-carbonitrile
3 water water
#
_entity_poly.entity_id   1
_entity_poly.type   'polypeptide(L)'
_entity_poly.pdbx_seq_one_letter_code
;MPPGVDCPMEFWTKEESQSVVVDFLLPTGVYLNFPVSRNANLSTIKQVLWHRAQYEPLFHMLSDPEAYVFTCVNQTAEQQ
ELEDEQRRLCDIQPFLPVLRLVAREGDRVKKLINSQISLLIGKGLHEFDSLRDPEVNDFRTKMRQFCEEAAAHRQQLGWV
EWLQYSFPLQLEPSARGWRAGLLRVSNRALLVNVKFEGSEESFTFQVSTKDMPLALMACALRKKATVFRQPLVEQPEEYA
LQVNGRHEYLYGNYPLCHFQYICSCLHSGLTPHLTMVHSSSILAMRDEQSNPAPQVQKPRAKPPPIPAKKPSSVSLWSLE
QPFSIELIEGRKVNADERMKLVVQAGLFHGNEMLCKTVSSSEVNVCSEPVWKQRLEFDISVCDLPRMARLCFALYAVVEK
AKKARSTKKKSKKADCPIAWANLMLFDYKDQLKTGERCLYMWPSVPDEKGELLNPAGTVRGNPNTESAAALVIYLPEVAP
HPVYFPALEKILELGRHGERGRITEEEQLQLREILERRGSGELYEHEKDLVWKMRHEVQEHFPEALARLLLVTKWNKHED
VAQMLYLLCSWPELPVLSALELLDFSFPDCYVGSFAIKSLRKLTDDELFQYLLQLVQVLKYESYLDCELTKFLLGRALAN
RKIGHFLFWHLRSEMHVPSVALRFGLIMEAYCRGSTHHMKVLMKQGEALSKLKALNDFVKVSSQKTTKPQTKEMMHMCMR
QETYMEALSHLQSPLDPSTLLEEVCVEQCTFMDSKMKPLWIMYSSEEAGSAGNVGIIFKNGDDLRQDMLTLQMIQLMDVL
WKQEGLDLRMTPYGCLPTGDRTGLIEVVLHSDTIANIQLNKSNMAATAAFNKDALLNWLKSKNPGEALDRAIEEFTLSCA
GYCVATYVLGIGDRHSDNIMIRESGQLFHIDFGHFLGNFKTKFGINRERVPFILTYDFVHVIQQGKTNNSEKFERFRGYC
ERAYTILRRHGLLFLHLFALMRAAGLPELSCSKDIQYLKDSLALGKTEEEALKHFRVKFNEALRESWKTKVNWLAHNVSK
DNRQ
;
_entity_poly.pdbx_strand_id   A
#
loop_
_chem_comp.id
_chem_comp.type
_chem_comp.name
_chem_comp.formula
6CY non-polymer 5-{4-[3-(4-acetylpiperazine-1-carbonyl)phenyl]quinazolin-6-yl}-2-methoxypyridine-3-carbonitrile 'C28 H24 N6 O3'
#
# COMPACT_ATOMS: atom_id res chain seq x y z
N ARG A 108 10.37 -34.22 -11.61
CA ARG A 108 11.62 -34.12 -10.86
C ARG A 108 12.04 -32.66 -10.63
N VAL A 109 11.78 -31.79 -11.63
CA VAL A 109 12.08 -30.36 -11.54
C VAL A 109 10.97 -29.60 -10.80
N LYS A 110 9.76 -30.22 -10.68
CA LYS A 110 8.61 -29.65 -9.99
C LYS A 110 8.80 -29.68 -8.45
N LYS A 111 9.54 -30.70 -7.94
CA LYS A 111 9.84 -30.86 -6.51
C LYS A 111 10.66 -29.68 -6.00
N LEU A 112 11.70 -29.27 -6.77
CA LEU A 112 12.57 -28.14 -6.45
C LEU A 112 11.78 -26.83 -6.43
N ILE A 113 10.94 -26.58 -7.47
CA ILE A 113 10.10 -25.39 -7.60
C ILE A 113 9.13 -25.24 -6.43
N ASN A 114 8.48 -26.35 -6.00
CA ASN A 114 7.56 -26.41 -4.86
C ASN A 114 8.29 -26.13 -3.54
N SER A 115 9.52 -26.68 -3.40
CA SER A 115 10.38 -26.50 -2.22
C SER A 115 10.75 -25.02 -2.04
N GLN A 116 11.03 -24.33 -3.17
CA GLN A 116 11.39 -22.92 -3.22
C GLN A 116 10.18 -22.04 -2.88
N ILE A 117 8.99 -22.37 -3.44
CA ILE A 117 7.74 -21.65 -3.16
C ILE A 117 7.46 -21.67 -1.66
N SER A 118 7.51 -22.86 -1.02
CA SER A 118 7.31 -23.05 0.42
C SER A 118 8.22 -22.15 1.25
N LEU A 119 9.53 -22.11 0.91
CA LEU A 119 10.53 -21.28 1.57
C LEU A 119 10.23 -19.78 1.38
N LEU A 120 9.85 -19.39 0.15
CA LEU A 120 9.52 -18.02 -0.26
C LEU A 120 8.28 -17.46 0.42
N ILE A 121 7.16 -18.21 0.39
CA ILE A 121 5.88 -17.79 0.96
C ILE A 121 5.82 -17.85 2.48
N GLY A 122 6.79 -18.53 3.08
CA GLY A 122 6.88 -18.71 4.53
C GLY A 122 5.79 -19.60 5.06
N LYS A 123 5.53 -20.72 4.34
CA LYS A 123 4.53 -21.74 4.63
C LYS A 123 4.71 -22.91 3.68
N GLY A 124 4.81 -24.12 4.23
CA GLY A 124 4.92 -25.34 3.45
C GLY A 124 3.65 -25.65 2.69
N LEU A 125 3.79 -26.08 1.42
CA LEU A 125 2.66 -26.42 0.55
C LEU A 125 1.89 -27.67 1.03
N HIS A 126 2.54 -28.48 1.89
CA HIS A 126 1.98 -29.70 2.49
C HIS A 126 0.85 -29.39 3.49
N GLU A 127 0.88 -28.19 4.09
CA GLU A 127 -0.12 -27.70 5.05
C GLU A 127 -1.49 -27.50 4.40
N PHE A 128 -1.49 -27.09 3.10
CA PHE A 128 -2.70 -26.86 2.31
C PHE A 128 -3.43 -28.18 2.02
N ASP A 129 -2.67 -29.19 1.55
CA ASP A 129 -3.17 -30.52 1.24
C ASP A 129 -3.72 -31.24 2.48
N SER A 130 -3.04 -31.07 3.64
CA SER A 130 -3.39 -31.65 4.95
C SER A 130 -4.76 -31.18 5.48
N LEU A 131 -5.24 -30.03 5.00
CA LEU A 131 -6.55 -29.49 5.39
C LEU A 131 -7.67 -30.28 4.71
N ARG A 132 -7.38 -30.82 3.49
CA ARG A 132 -8.29 -31.60 2.65
C ARG A 132 -9.60 -30.86 2.34
N ASP A 133 -9.58 -29.52 2.51
CA ASP A 133 -10.67 -28.56 2.28
C ASP A 133 -10.92 -28.40 0.77
N PRO A 134 -12.14 -28.70 0.25
CA PRO A 134 -12.38 -28.56 -1.19
C PRO A 134 -12.26 -27.13 -1.72
N GLU A 135 -12.55 -26.11 -0.86
CA GLU A 135 -12.47 -24.69 -1.21
C GLU A 135 -11.05 -24.30 -1.51
N VAL A 136 -10.10 -24.74 -0.66
CA VAL A 136 -8.67 -24.49 -0.80
C VAL A 136 -8.09 -25.25 -1.99
N ASN A 137 -8.65 -26.43 -2.30
CA ASN A 137 -8.21 -27.28 -3.41
C ASN A 137 -8.68 -26.74 -4.75
N ASP A 138 -9.96 -26.33 -4.84
CA ASP A 138 -10.53 -25.77 -6.07
C ASP A 138 -9.92 -24.43 -6.41
N PHE A 139 -9.51 -23.62 -5.40
CA PHE A 139 -8.84 -22.33 -5.61
C PHE A 139 -7.48 -22.56 -6.24
N ARG A 140 -6.69 -23.48 -5.66
CA ARG A 140 -5.37 -23.86 -6.12
C ARG A 140 -5.38 -24.31 -7.57
N THR A 141 -6.21 -25.30 -7.90
CA THR A 141 -6.34 -25.87 -9.25
C THR A 141 -6.79 -24.85 -10.29
N LYS A 142 -7.81 -24.02 -9.96
CA LYS A 142 -8.33 -23.00 -10.88
C LYS A 142 -7.34 -21.87 -11.06
N MET A 143 -6.84 -21.29 -9.95
CA MET A 143 -5.88 -20.17 -9.97
C MET A 143 -4.51 -20.47 -10.59
N ARG A 144 -4.07 -21.76 -10.57
CA ARG A 144 -2.80 -22.18 -11.17
C ARG A 144 -2.92 -22.10 -12.72
N GLN A 145 -4.07 -22.55 -13.27
CA GLN A 145 -4.34 -22.53 -14.71
C GLN A 145 -4.38 -21.09 -15.21
N PHE A 146 -5.04 -20.20 -14.44
CA PHE A 146 -5.17 -18.77 -14.72
C PHE A 146 -3.81 -18.09 -14.73
N CYS A 147 -2.89 -18.51 -13.85
CA CYS A 147 -1.56 -17.94 -13.73
C CYS A 147 -0.57 -18.45 -14.79
N GLU A 148 -0.64 -19.76 -15.11
CA GLU A 148 0.20 -20.38 -16.14
C GLU A 148 -0.16 -19.87 -17.54
N GLU A 149 -1.44 -19.44 -17.72
CA GLU A 149 -1.94 -18.85 -18.96
C GLU A 149 -1.30 -17.47 -19.16
N ALA A 150 -1.12 -16.73 -18.05
CA ALA A 150 -0.51 -15.40 -18.03
C ALA A 150 0.99 -15.49 -18.37
N ALA A 151 1.67 -16.54 -17.85
CA ALA A 151 3.08 -16.79 -18.10
C ALA A 151 3.30 -17.12 -19.57
N ALA A 152 2.34 -17.87 -20.18
CA ALA A 152 2.36 -18.30 -21.58
C ALA A 152 2.29 -17.10 -22.52
N HIS A 153 1.34 -16.18 -22.27
CA HIS A 153 1.13 -14.95 -23.03
C HIS A 153 2.29 -13.96 -22.90
N ARG A 154 3.07 -14.11 -21.82
CA ARG A 154 4.21 -13.26 -21.49
C ARG A 154 5.49 -13.63 -22.26
N GLN A 155 5.75 -14.94 -22.46
CA GLN A 155 6.91 -15.44 -23.18
C GLN A 155 6.83 -15.21 -24.70
N GLN A 156 5.65 -14.79 -25.20
CA GLN A 156 5.41 -14.52 -26.62
C GLN A 156 5.38 -13.01 -26.97
N LEU A 157 5.28 -12.13 -25.95
CA LEU A 157 5.26 -10.66 -26.07
C LEU A 157 6.49 -10.12 -26.80
N GLY A 158 6.29 -9.02 -27.53
CA GLY A 158 7.35 -8.33 -28.25
C GLY A 158 8.32 -7.68 -27.28
N TRP A 159 9.51 -7.29 -27.78
CA TRP A 159 10.53 -6.68 -26.94
C TRP A 159 10.12 -5.36 -26.26
N VAL A 160 9.31 -4.52 -26.92
CA VAL A 160 8.82 -3.28 -26.33
C VAL A 160 7.73 -3.56 -25.27
N GLU A 161 6.98 -4.67 -25.44
CA GLU A 161 5.90 -5.13 -24.53
C GLU A 161 6.46 -5.79 -23.27
N TRP A 162 7.60 -6.52 -23.42
CA TRP A 162 8.30 -7.16 -22.31
C TRP A 162 8.88 -6.07 -21.40
N LEU A 163 9.49 -5.01 -22.01
CA LEU A 163 10.05 -3.86 -21.30
C LEU A 163 8.98 -3.20 -20.45
N GLN A 164 7.73 -3.14 -20.94
CA GLN A 164 6.59 -2.58 -20.24
C GLN A 164 6.20 -3.44 -19.04
N TYR A 165 6.44 -4.78 -19.12
CA TYR A 165 6.15 -5.71 -18.04
C TYR A 165 7.21 -5.64 -16.93
N SER A 166 8.49 -5.91 -17.30
CA SER A 166 9.62 -5.94 -16.37
C SER A 166 10.09 -4.59 -15.88
N PHE A 167 10.13 -3.58 -16.76
CA PHE A 167 10.62 -2.26 -16.39
C PHE A 167 9.59 -1.18 -16.74
N PRO A 168 8.43 -1.11 -16.02
CA PRO A 168 7.44 -0.08 -16.37
C PRO A 168 8.01 1.32 -16.23
N LEU A 169 7.61 2.22 -17.14
CA LEU A 169 8.07 3.61 -17.20
C LEU A 169 7.69 4.43 -15.99
N GLN A 170 8.68 5.12 -15.40
CA GLN A 170 8.46 6.02 -14.28
C GLN A 170 8.35 7.44 -14.84
N LEU A 171 7.10 7.89 -15.08
CA LEU A 171 6.78 9.21 -15.64
C LEU A 171 6.29 10.20 -14.57
N GLU A 172 6.55 11.51 -14.78
CA GLU A 172 6.13 12.58 -13.88
C GLU A 172 4.61 12.86 -14.02
N PRO A 173 3.85 13.04 -12.91
CA PRO A 173 2.40 13.27 -13.05
C PRO A 173 2.05 14.65 -13.62
N ASN A 187 13.36 23.34 -25.79
CA ASN A 187 12.80 24.12 -24.69
C ASN A 187 13.87 24.50 -23.66
N ARG A 188 14.77 23.55 -23.29
CA ARG A 188 15.87 23.74 -22.34
C ARG A 188 17.03 22.79 -22.60
N ALA A 189 18.28 23.29 -22.49
CA ALA A 189 19.51 22.51 -22.72
C ALA A 189 19.79 21.44 -21.64
N LEU A 190 20.25 20.24 -22.08
CA LEU A 190 20.58 19.12 -21.20
C LEU A 190 21.76 18.30 -21.74
N LEU A 191 22.81 18.11 -20.91
CA LEU A 191 23.99 17.32 -21.26
C LEU A 191 23.83 15.88 -20.76
N VAL A 192 23.56 14.95 -21.70
CA VAL A 192 23.32 13.52 -21.44
C VAL A 192 24.52 12.67 -21.88
N ASN A 193 24.88 11.65 -21.09
CA ASN A 193 25.97 10.74 -21.41
C ASN A 193 25.40 9.39 -21.86
N VAL A 194 25.53 9.08 -23.15
CA VAL A 194 25.05 7.83 -23.73
C VAL A 194 26.19 6.84 -23.91
N LYS A 195 25.95 5.59 -23.48
CA LYS A 195 26.87 4.46 -23.52
C LYS A 195 26.23 3.34 -24.36
N PHE A 196 26.98 2.28 -24.70
CA PHE A 196 26.50 1.13 -25.46
C PHE A 196 26.75 -0.16 -24.67
N GLU A 197 25.95 -1.21 -24.93
CA GLU A 197 26.13 -2.50 -24.23
C GLU A 197 27.38 -3.22 -24.76
N GLY A 198 28.31 -3.52 -23.86
CA GLY A 198 29.57 -4.19 -24.17
C GLY A 198 30.64 -3.29 -24.75
N SER A 199 30.74 -2.06 -24.21
CA SER A 199 31.73 -1.05 -24.63
C SER A 199 31.98 -0.07 -23.48
N GLU A 200 33.26 0.18 -23.19
CA GLU A 200 33.68 1.10 -22.13
C GLU A 200 33.53 2.56 -22.57
N GLU A 201 33.60 2.82 -23.90
CA GLU A 201 33.48 4.16 -24.50
C GLU A 201 32.10 4.79 -24.30
N SER A 202 32.08 6.08 -23.90
CA SER A 202 30.88 6.88 -23.65
C SER A 202 30.99 8.27 -24.30
N PHE A 203 29.86 8.83 -24.77
CA PHE A 203 29.82 10.15 -25.42
C PHE A 203 28.76 11.07 -24.82
N THR A 204 29.10 12.36 -24.63
CA THR A 204 28.21 13.39 -24.08
C THR A 204 27.49 14.16 -25.19
N PHE A 205 26.15 14.29 -25.08
CA PHE A 205 25.30 14.96 -26.08
C PHE A 205 24.54 16.17 -25.57
N GLN A 206 24.36 17.17 -26.45
CA GLN A 206 23.57 18.37 -26.16
C GLN A 206 22.17 18.13 -26.74
N VAL A 207 21.25 17.68 -25.87
CA VAL A 207 19.86 17.39 -26.20
C VAL A 207 18.91 18.34 -25.47
N SER A 208 17.67 18.49 -25.97
CA SER A 208 16.67 19.35 -25.33
C SER A 208 15.79 18.56 -24.36
N THR A 209 15.17 19.25 -23.38
CA THR A 209 14.24 18.64 -22.41
C THR A 209 12.94 18.24 -23.11
N LYS A 210 12.63 18.89 -24.26
CA LYS A 210 11.46 18.66 -25.11
C LYS A 210 11.68 17.48 -26.06
N ASP A 211 12.97 17.15 -26.35
CA ASP A 211 13.38 16.05 -27.24
C ASP A 211 12.95 14.69 -26.68
N MET A 212 12.53 13.79 -27.58
CA MET A 212 12.06 12.43 -27.29
C MET A 212 13.26 11.46 -27.17
N PRO A 213 13.10 10.22 -26.62
CA PRO A 213 14.25 9.31 -26.51
C PRO A 213 14.81 8.86 -27.87
N LEU A 214 13.92 8.73 -28.89
CA LEU A 214 14.27 8.32 -30.26
C LEU A 214 15.31 9.24 -30.92
N ALA A 215 15.25 10.56 -30.61
CA ALA A 215 16.17 11.58 -31.14
C ALA A 215 17.54 11.44 -30.48
N LEU A 216 17.56 11.13 -29.18
CA LEU A 216 18.76 10.92 -28.39
C LEU A 216 19.43 9.62 -28.83
N MET A 217 18.62 8.61 -29.22
CA MET A 217 19.08 7.31 -29.74
C MET A 217 19.73 7.47 -31.13
N ALA A 218 19.24 8.43 -31.94
CA ALA A 218 19.75 8.74 -33.27
C ALA A 218 21.13 9.40 -33.18
N CYS A 219 21.36 10.20 -32.13
CA CYS A 219 22.62 10.87 -31.85
C CYS A 219 23.70 9.86 -31.47
N ALA A 220 23.35 8.89 -30.59
CA ALA A 220 24.25 7.81 -30.16
C ALA A 220 24.62 6.92 -31.35
N LEU A 221 23.63 6.63 -32.23
CA LEU A 221 23.84 5.84 -33.45
C LEU A 221 24.72 6.59 -34.46
N ARG A 222 24.56 7.93 -34.55
CA ARG A 222 25.35 8.80 -35.42
C ARG A 222 26.81 8.88 -34.96
N LYS A 223 27.03 8.88 -33.63
CA LYS A 223 28.36 8.93 -33.00
C LYS A 223 29.07 7.58 -33.12
N VAL A 227 32.09 7.43 -36.04
CA VAL A 227 33.20 7.04 -35.18
C VAL A 227 33.77 5.66 -35.50
N PHE A 228 32.95 4.76 -36.11
CA PHE A 228 33.37 3.41 -36.48
C PHE A 228 33.52 3.24 -38.00
N ARG A 229 32.41 2.98 -38.72
CA ARG A 229 32.40 2.79 -40.17
C ARG A 229 31.14 3.35 -40.80
N GLN A 235 19.11 1.37 -37.27
CA GLN A 235 17.87 2.10 -36.98
C GLN A 235 17.69 2.35 -35.46
N PRO A 236 17.32 3.60 -35.03
CA PRO A 236 17.16 3.85 -33.57
C PRO A 236 15.96 3.17 -32.93
N GLU A 237 14.95 2.81 -33.73
CA GLU A 237 13.73 2.13 -33.28
C GLU A 237 13.93 0.70 -32.75
N GLU A 238 15.13 0.13 -32.97
CA GLU A 238 15.52 -1.21 -32.52
C GLU A 238 16.21 -1.16 -31.14
N TYR A 239 16.35 0.06 -30.54
CA TYR A 239 17.01 0.31 -29.26
C TYR A 239 16.08 0.85 -28.16
N ALA A 240 16.55 0.81 -26.90
CA ALA A 240 15.91 1.33 -25.68
C ALA A 240 17.01 1.84 -24.75
N LEU A 241 16.84 3.04 -24.18
CA LEU A 241 17.83 3.64 -23.29
C LEU A 241 17.71 3.17 -21.84
N GLN A 242 18.73 2.44 -21.34
CA GLN A 242 18.75 1.93 -19.96
C GLN A 242 19.40 2.94 -19.02
N VAL A 243 18.79 3.15 -17.84
CA VAL A 243 19.33 4.02 -16.80
C VAL A 243 20.46 3.23 -16.13
N ASN A 244 21.71 3.71 -16.28
CA ASN A 244 22.95 3.09 -15.78
C ASN A 244 22.85 2.50 -14.37
N GLY A 245 23.14 1.20 -14.28
CA GLY A 245 23.11 0.41 -13.06
C GLY A 245 21.80 0.39 -12.29
N ARG A 246 20.67 0.45 -13.03
CA ARG A 246 19.30 0.45 -12.49
C ARG A 246 18.38 -0.29 -13.46
N HIS A 247 17.34 -0.94 -12.92
CA HIS A 247 16.35 -1.65 -13.74
C HIS A 247 15.28 -0.69 -14.26
N GLU A 248 15.70 0.52 -14.66
CA GLU A 248 14.86 1.56 -15.23
C GLU A 248 15.25 1.75 -16.69
N TYR A 249 14.27 2.11 -17.54
CA TYR A 249 14.48 2.29 -18.97
C TYR A 249 13.79 3.57 -19.47
N LEU A 250 14.30 4.12 -20.58
CA LEU A 250 13.78 5.33 -21.23
C LEU A 250 13.38 4.99 -22.66
N TYR A 251 12.07 4.81 -22.87
CA TYR A 251 11.48 4.48 -24.17
C TYR A 251 10.09 5.12 -24.31
N GLY A 252 9.54 5.11 -25.52
CA GLY A 252 8.21 5.63 -25.79
C GLY A 252 8.16 7.06 -26.28
N ASN A 253 6.97 7.47 -26.75
CA ASN A 253 6.71 8.81 -27.27
C ASN A 253 6.38 9.76 -26.12
N TYR A 254 7.44 10.15 -25.36
CA TYR A 254 7.36 11.06 -24.21
C TYR A 254 8.58 11.98 -24.22
N PRO A 255 8.43 13.32 -24.03
CA PRO A 255 9.62 14.19 -24.01
C PRO A 255 10.51 13.84 -22.82
N LEU A 256 11.83 13.97 -22.98
CA LEU A 256 12.84 13.66 -21.96
C LEU A 256 12.53 14.18 -20.54
N CYS A 257 11.95 15.40 -20.44
CA CYS A 257 11.55 16.03 -19.17
C CYS A 257 10.46 15.26 -18.41
N HIS A 258 9.59 14.54 -19.14
CA HIS A 258 8.49 13.73 -18.57
C HIS A 258 8.94 12.53 -17.75
N PHE A 259 10.10 11.93 -18.09
CA PHE A 259 10.66 10.76 -17.39
C PHE A 259 11.20 11.20 -16.02
N GLN A 260 10.86 10.45 -14.95
CA GLN A 260 11.28 10.72 -13.57
C GLN A 260 12.80 10.76 -13.35
N TYR A 261 13.58 10.01 -14.14
CA TYR A 261 15.04 9.99 -14.01
C TYR A 261 15.70 11.24 -14.59
N ILE A 262 15.26 11.69 -15.78
CA ILE A 262 15.81 12.88 -16.41
C ILE A 262 15.34 14.14 -15.67
N CYS A 263 14.07 14.12 -15.16
CA CYS A 263 13.45 15.19 -14.39
C CYS A 263 14.20 15.43 -13.06
N SER A 264 14.51 14.34 -12.32
CA SER A 264 15.25 14.38 -11.06
C SER A 264 16.70 14.82 -11.25
N CYS A 265 17.32 14.40 -12.38
CA CYS A 265 18.69 14.76 -12.73
C CYS A 265 18.85 16.26 -12.94
N LEU A 266 17.80 16.93 -13.47
CA LEU A 266 17.78 18.38 -13.71
C LEU A 266 17.79 19.13 -12.38
N HIS A 267 16.93 18.73 -11.41
CA HIS A 267 16.82 19.35 -10.08
C HIS A 267 18.07 19.11 -9.23
N SER A 268 18.64 17.89 -9.30
CA SER A 268 19.86 17.53 -8.56
C SER A 268 21.09 18.20 -9.17
N GLY A 269 21.06 18.41 -10.49
CA GLY A 269 22.15 19.00 -11.26
C GLY A 269 23.13 17.97 -11.81
N LEU A 270 22.81 16.67 -11.64
CA LEU A 270 23.62 15.54 -12.10
C LEU A 270 23.35 15.20 -13.55
N THR A 271 24.41 14.83 -14.30
CA THR A 271 24.34 14.47 -15.73
C THR A 271 23.69 13.08 -15.92
N PRO A 272 22.59 12.95 -16.70
CA PRO A 272 21.97 11.62 -16.87
C PRO A 272 22.86 10.64 -17.63
N HIS A 273 23.05 9.43 -17.07
CA HIS A 273 23.88 8.38 -17.69
C HIS A 273 22.99 7.26 -18.23
N LEU A 274 22.98 7.08 -19.57
CA LEU A 274 22.16 6.09 -20.26
C LEU A 274 22.96 5.05 -21.04
N THR A 275 22.32 3.89 -21.35
CA THR A 275 22.94 2.78 -22.10
C THR A 275 22.05 2.34 -23.25
N MET A 276 22.64 2.23 -24.46
CA MET A 276 21.96 1.79 -25.68
C MET A 276 21.86 0.26 -25.70
N VAL A 277 20.74 -0.26 -25.18
CA VAL A 277 20.44 -1.70 -25.11
C VAL A 277 19.60 -2.08 -26.34
N HIS A 278 20.14 -2.98 -27.18
CA HIS A 278 19.50 -3.44 -28.42
C HIS A 278 18.33 -4.39 -28.17
N SER A 279 17.46 -4.58 -29.20
CA SER A 279 16.31 -5.48 -29.20
C SER A 279 16.73 -6.94 -28.89
N SER A 280 17.88 -7.39 -29.43
CA SER A 280 18.47 -8.72 -29.23
C SER A 280 18.84 -8.98 -27.75
N SER A 281 19.29 -7.93 -27.05
CA SER A 281 19.69 -7.95 -25.64
C SER A 281 18.44 -8.04 -24.74
N ILE A 282 17.39 -7.26 -25.07
CA ILE A 282 16.11 -7.23 -24.36
C ILE A 282 15.38 -8.57 -24.53
N LEU A 283 15.31 -9.09 -25.77
CA LEU A 283 14.68 -10.38 -26.10
C LEU A 283 15.36 -11.55 -25.39
N ALA A 284 16.71 -11.49 -25.24
CA ALA A 284 17.51 -12.52 -24.54
C ALA A 284 17.23 -12.52 -23.03
N MET A 285 16.67 -11.40 -22.49
CA MET A 285 16.26 -11.26 -21.08
C MET A 285 14.95 -11.99 -20.86
N ARG A 286 14.04 -11.92 -21.86
CA ARG A 286 12.74 -12.58 -21.85
C ARG A 286 12.97 -14.09 -21.94
N ASP A 287 13.92 -14.51 -22.80
CA ASP A 287 14.30 -15.91 -23.01
C ASP A 287 14.99 -16.51 -21.79
N GLU A 288 15.77 -15.69 -21.04
CA GLU A 288 16.45 -16.11 -19.81
C GLU A 288 15.44 -16.24 -18.66
N GLN A 289 14.33 -15.47 -18.73
CA GLN A 289 13.24 -15.45 -17.76
C GLN A 289 12.09 -16.42 -18.13
N SER A 290 12.45 -17.56 -18.77
CA SER A 290 11.52 -18.61 -19.20
C SER A 290 10.85 -19.32 -18.02
N ASN A 291 9.71 -19.99 -18.28
CA ASN A 291 8.94 -20.73 -17.28
C ASN A 291 9.03 -22.24 -17.52
N TRP A 317 -35.96 -23.02 -3.68
CA TRP A 317 -35.33 -22.06 -2.76
C TRP A 317 -36.35 -21.11 -2.10
N SER A 318 -37.66 -21.39 -2.30
CA SER A 318 -38.77 -20.63 -1.72
C SER A 318 -39.37 -21.37 -0.52
N LEU A 319 -38.85 -21.03 0.69
CA LEU A 319 -39.26 -21.60 1.96
C LEU A 319 -39.41 -20.46 2.97
N GLU A 320 -40.63 -20.28 3.52
CA GLU A 320 -40.95 -19.22 4.48
C GLU A 320 -40.59 -19.56 5.95
N GLN A 321 -39.99 -20.75 6.19
CA GLN A 321 -39.57 -21.23 7.52
C GLN A 321 -38.62 -20.25 8.19
N PRO A 322 -39.04 -19.74 9.37
CA PRO A 322 -38.14 -18.90 10.20
C PRO A 322 -36.76 -19.52 10.45
N PHE A 323 -35.69 -18.71 10.31
CA PHE A 323 -34.30 -19.15 10.50
C PHE A 323 -33.92 -19.38 11.97
N SER A 324 -33.29 -20.54 12.26
CA SER A 324 -32.87 -20.96 13.59
C SER A 324 -31.57 -21.77 13.56
N LEU A 327 -27.31 -24.23 18.88
CA LEU A 327 -26.26 -24.43 19.89
C LEU A 327 -26.22 -25.87 20.40
N ILE A 328 -25.02 -26.48 20.42
CA ILE A 328 -24.81 -27.85 20.89
C ILE A 328 -23.78 -27.82 22.03
N ARG A 331 -16.47 -26.03 25.02
CA ARG A 331 -15.16 -26.56 25.35
C ARG A 331 -14.06 -25.50 25.25
N LYS A 332 -12.98 -25.64 26.06
CA LYS A 332 -11.82 -24.75 26.15
C LYS A 332 -12.16 -23.27 26.42
N VAL A 333 -13.16 -23.04 27.30
CA VAL A 333 -13.69 -21.74 27.71
C VAL A 333 -13.08 -21.27 29.06
N ASN A 334 -12.70 -19.97 29.15
CA ASN A 334 -12.14 -19.33 30.35
C ASN A 334 -13.19 -19.21 31.47
N ALA A 335 -13.05 -20.07 32.49
CA ALA A 335 -13.93 -20.21 33.66
C ALA A 335 -14.00 -18.99 34.59
N ASP A 336 -15.13 -18.89 35.37
CA ASP A 336 -15.43 -17.90 36.41
C ASP A 336 -16.78 -18.18 37.05
N MET A 339 -19.74 -16.95 37.68
CA MET A 339 -20.15 -16.38 36.39
C MET A 339 -20.75 -17.43 35.44
N LYS A 340 -21.60 -16.97 34.49
CA LYS A 340 -22.25 -17.81 33.49
C LYS A 340 -21.87 -17.36 32.08
N LEU A 341 -21.78 -18.32 31.13
CA LEU A 341 -21.41 -18.09 29.74
C LEU A 341 -22.63 -18.10 28.79
N VAL A 342 -22.84 -16.98 28.05
CA VAL A 342 -23.95 -16.79 27.10
C VAL A 342 -23.45 -16.52 25.68
N VAL A 343 -24.09 -17.14 24.68
CA VAL A 343 -23.75 -16.95 23.26
C VAL A 343 -24.74 -16.00 22.58
N GLN A 344 -24.26 -14.82 22.16
CA GLN A 344 -25.07 -13.82 21.46
C GLN A 344 -24.86 -13.98 19.96
N ALA A 345 -25.95 -14.13 19.21
CA ALA A 345 -25.89 -14.34 17.75
C ALA A 345 -26.76 -13.40 16.94
N GLY A 346 -26.25 -12.98 15.79
CA GLY A 346 -26.95 -12.09 14.87
C GLY A 346 -26.75 -12.44 13.41
N LEU A 347 -27.67 -11.99 12.55
CA LEU A 347 -27.59 -12.20 11.11
C LEU A 347 -27.23 -10.86 10.45
N PHE A 348 -26.02 -10.79 9.87
CA PHE A 348 -25.49 -9.57 9.27
C PHE A 348 -25.30 -9.67 7.76
N HIS A 349 -25.35 -8.51 7.09
CA HIS A 349 -25.05 -8.33 5.68
C HIS A 349 -24.21 -7.04 5.63
N GLY A 350 -22.91 -7.20 5.89
CA GLY A 350 -21.95 -6.12 5.98
C GLY A 350 -22.00 -5.50 7.36
N ASN A 351 -22.33 -4.19 7.42
CA ASN A 351 -22.45 -3.44 8.67
C ASN A 351 -23.83 -3.62 9.29
N GLU A 352 -24.92 -3.54 8.47
CA GLU A 352 -26.30 -3.66 8.91
C GLU A 352 -26.75 -5.07 9.31
N MET A 353 -27.68 -5.16 10.29
CA MET A 353 -28.28 -6.39 10.79
C MET A 353 -29.50 -6.75 9.95
N LEU A 354 -29.66 -8.04 9.66
CA LEU A 354 -30.81 -8.54 8.91
C LEU A 354 -32.04 -8.65 9.82
N CYS A 355 -31.82 -9.01 11.10
CA CYS A 355 -32.85 -9.19 12.13
C CYS A 355 -32.30 -8.92 13.55
N LYS A 356 -33.16 -9.05 14.58
CA LYS A 356 -32.83 -8.85 16.00
C LYS A 356 -31.79 -9.87 16.48
N THR A 357 -30.78 -9.39 17.25
CA THR A 357 -29.69 -10.22 17.80
C THR A 357 -30.16 -11.15 18.95
N VAL A 358 -30.55 -12.40 18.61
CA VAL A 358 -31.03 -13.40 19.57
C VAL A 358 -29.87 -14.04 20.33
N SER A 359 -29.87 -13.92 21.66
CA SER A 359 -28.83 -14.45 22.54
C SER A 359 -29.28 -15.71 23.33
N SER A 360 -28.31 -16.50 23.83
CA SER A 360 -28.53 -17.74 24.61
C SER A 360 -29.00 -17.47 26.06
N SER A 361 -29.38 -18.54 26.79
CA SER A 361 -29.80 -18.47 28.20
C SER A 361 -28.57 -18.30 29.11
N GLU A 362 -28.64 -17.35 30.07
CA GLU A 362 -27.57 -17.03 31.01
C GLU A 362 -27.26 -18.17 31.99
N VAL A 365 -23.71 -21.23 33.59
CA VAL A 365 -22.67 -21.69 34.53
C VAL A 365 -21.48 -22.36 33.82
N CYS A 366 -20.24 -21.90 34.13
CA CYS A 366 -18.96 -22.39 33.56
C CYS A 366 -18.73 -23.89 33.79
N GLU A 368 -16.45 -25.85 29.95
CA GLU A 368 -17.09 -26.76 29.00
C GLU A 368 -18.64 -26.75 29.10
N PRO A 369 -19.35 -25.96 28.24
CA PRO A 369 -20.81 -25.92 28.34
C PRO A 369 -21.53 -26.94 27.44
N PHE A 377 -34.59 -16.63 14.81
CA PHE A 377 -34.29 -15.34 14.19
C PHE A 377 -35.45 -14.83 13.35
N ASP A 378 -35.82 -13.53 13.50
CA ASP A 378 -36.92 -12.88 12.78
C ASP A 378 -36.61 -12.59 11.30
N ILE A 379 -36.35 -13.67 10.53
CA ILE A 379 -36.05 -13.68 9.09
C ILE A 379 -36.33 -15.07 8.47
N SER A 380 -37.01 -15.10 7.31
CA SER A 380 -37.31 -16.35 6.61
C SER A 380 -36.07 -16.82 5.83
N VAL A 381 -35.98 -18.15 5.55
CA VAL A 381 -34.84 -18.73 4.82
C VAL A 381 -34.75 -18.20 3.38
N CYS A 382 -35.92 -17.89 2.76
CA CYS A 382 -36.00 -17.33 1.41
C CYS A 382 -35.49 -15.88 1.37
N ASP A 383 -35.63 -15.14 2.49
CA ASP A 383 -35.22 -13.74 2.66
C ASP A 383 -33.71 -13.54 2.93
N LEU A 384 -33.00 -14.60 3.36
CA LEU A 384 -31.57 -14.53 3.66
C LEU A 384 -30.75 -14.23 2.39
N PRO A 385 -29.97 -13.12 2.36
CA PRO A 385 -29.20 -12.81 1.14
C PRO A 385 -28.02 -13.76 0.89
N ARG A 386 -27.47 -13.72 -0.34
CA ARG A 386 -26.36 -14.56 -0.78
C ARG A 386 -25.12 -14.44 0.11
N MET A 387 -24.81 -13.21 0.57
CA MET A 387 -23.63 -12.89 1.40
C MET A 387 -23.94 -12.69 2.91
N ALA A 388 -24.96 -13.40 3.43
CA ALA A 388 -25.36 -13.33 4.83
C ALA A 388 -24.34 -14.00 5.75
N ARG A 389 -24.19 -13.47 6.98
CA ARG A 389 -23.26 -13.98 7.99
C ARG A 389 -23.96 -14.21 9.33
N LEU A 390 -23.56 -15.28 10.04
CA LEU A 390 -24.03 -15.59 11.38
C LEU A 390 -22.86 -15.22 12.30
N CYS A 391 -23.05 -14.21 13.17
CA CYS A 391 -21.99 -13.72 14.06
C CYS A 391 -22.21 -14.08 15.52
N PHE A 392 -21.33 -14.91 16.09
CA PHE A 392 -21.41 -15.36 17.48
C PHE A 392 -20.38 -14.65 18.38
N ALA A 393 -20.67 -14.60 19.70
CA ALA A 393 -19.81 -14.00 20.73
C ALA A 393 -20.06 -14.66 22.10
N LEU A 394 -18.98 -15.13 22.76
CA LEU A 394 -19.07 -15.76 24.08
C LEU A 394 -18.74 -14.75 25.15
N TYR A 395 -19.77 -14.34 25.91
CA TYR A 395 -19.66 -13.38 27.01
C TYR A 395 -19.64 -14.11 28.36
N ALA A 396 -19.29 -13.39 29.44
CA ALA A 396 -19.26 -13.92 30.81
C ALA A 396 -19.85 -12.92 31.80
N ASP A 415 -19.87 -7.09 32.11
CA ASP A 415 -19.72 -8.00 30.98
C ASP A 415 -18.25 -8.28 30.67
N CYS A 416 -17.89 -9.57 30.57
CA CYS A 416 -16.53 -10.02 30.28
C CYS A 416 -16.45 -10.82 28.96
N PRO A 417 -15.91 -10.23 27.86
CA PRO A 417 -15.83 -10.97 26.59
C PRO A 417 -14.72 -12.02 26.59
N ILE A 418 -15.02 -13.20 26.03
CA ILE A 418 -14.09 -14.33 25.94
C ILE A 418 -13.63 -14.55 24.49
N ALA A 419 -14.58 -14.82 23.57
CA ALA A 419 -14.27 -15.09 22.17
C ALA A 419 -15.39 -14.72 21.20
N TRP A 420 -15.10 -14.76 19.89
CA TRP A 420 -16.03 -14.48 18.80
C TRP A 420 -15.81 -15.48 17.64
N ALA A 421 -16.83 -15.63 16.77
CA ALA A 421 -16.81 -16.53 15.60
C ALA A 421 -17.86 -16.13 14.55
N ASN A 422 -17.46 -16.14 13.27
CA ASN A 422 -18.32 -15.80 12.13
C ASN A 422 -18.44 -16.96 11.16
N LEU A 423 -19.55 -16.99 10.39
CA LEU A 423 -19.82 -18.06 9.43
C LEU A 423 -20.79 -17.59 8.34
N MET A 424 -20.47 -17.94 7.07
CA MET A 424 -21.29 -17.68 5.89
C MET A 424 -22.34 -18.78 5.84
N LEU A 425 -23.63 -18.42 5.74
CA LEU A 425 -24.74 -19.38 5.70
C LEU A 425 -24.81 -20.19 4.40
N PHE A 426 -24.19 -19.67 3.33
CA PHE A 426 -24.07 -20.33 2.03
C PHE A 426 -22.58 -20.58 1.80
N ASP A 427 -22.22 -21.74 1.21
CA ASP A 427 -20.82 -22.09 0.94
C ASP A 427 -20.35 -21.55 -0.41
N TYR A 428 -19.04 -21.71 -0.72
CA TYR A 428 -18.43 -21.23 -1.98
C TYR A 428 -19.08 -21.82 -3.24
N LYS A 429 -19.62 -23.05 -3.12
CA LYS A 429 -20.30 -23.76 -4.21
C LYS A 429 -21.75 -23.26 -4.42
N ASP A 430 -22.15 -22.18 -3.69
CA ASP A 430 -23.45 -21.49 -3.71
C ASP A 430 -24.63 -22.19 -3.01
N GLN A 431 -24.38 -23.29 -2.27
CA GLN A 431 -25.43 -24.05 -1.56
C GLN A 431 -25.52 -23.68 -0.08
N LEU A 432 -26.76 -23.71 0.47
CA LEU A 432 -27.03 -23.39 1.88
C LEU A 432 -26.45 -24.46 2.81
N LYS A 433 -25.68 -24.01 3.83
CA LYS A 433 -25.01 -24.88 4.81
C LYS A 433 -26.00 -25.65 5.67
N THR A 434 -25.89 -26.99 5.62
CA THR A 434 -26.77 -27.92 6.35
C THR A 434 -25.94 -28.90 7.20
N GLY A 435 -26.41 -29.15 8.42
CA GLY A 435 -25.78 -30.04 9.38
C GLY A 435 -25.04 -29.31 10.48
N GLU A 436 -24.33 -30.06 11.33
CA GLU A 436 -23.57 -29.46 12.42
C GLU A 436 -22.22 -28.94 11.96
N ARG A 437 -21.68 -27.97 12.69
CA ARG A 437 -20.41 -27.34 12.42
C ARG A 437 -19.71 -27.03 13.74
N CYS A 438 -18.38 -27.26 13.78
CA CYS A 438 -17.55 -26.93 14.95
C CYS A 438 -16.83 -25.64 14.59
N LEU A 439 -17.16 -24.55 15.30
CA LEU A 439 -16.58 -23.24 15.05
C LEU A 439 -15.46 -22.96 16.05
N TYR A 440 -14.21 -22.89 15.55
CA TYR A 440 -13.04 -22.61 16.38
C TYR A 440 -12.92 -21.10 16.54
N MET A 441 -13.29 -20.63 17.74
CA MET A 441 -13.40 -19.22 18.10
C MET A 441 -12.08 -18.46 18.25
N TRP A 442 -12.13 -17.18 17.83
CA TRP A 442 -11.01 -16.23 17.89
C TRP A 442 -11.06 -15.48 19.23
N PRO A 443 -9.91 -15.25 19.91
CA PRO A 443 -9.95 -14.56 21.21
C PRO A 443 -10.24 -13.07 21.10
N SER A 444 -11.21 -12.60 21.90
CA SER A 444 -11.62 -11.20 21.96
C SER A 444 -10.72 -10.42 22.92
N LEU A 453 -20.96 -9.02 19.20
CA LEU A 453 -20.78 -9.63 17.89
C LEU A 453 -19.86 -8.79 17.00
N ASN A 454 -18.89 -9.45 16.32
CA ASN A 454 -17.93 -8.80 15.41
C ASN A 454 -18.22 -9.13 13.92
N PRO A 455 -18.95 -8.26 13.19
CA PRO A 455 -19.30 -8.58 11.79
C PRO A 455 -18.14 -8.53 10.79
N ALA A 456 -17.23 -7.56 10.94
CA ALA A 456 -16.08 -7.36 10.06
C ALA A 456 -15.06 -8.50 10.07
N GLY A 457 -14.94 -9.20 11.20
CA GLY A 457 -14.03 -10.33 11.40
C GLY A 457 -14.24 -11.49 10.45
N THR A 458 -13.14 -12.24 10.17
CA THR A 458 -13.10 -13.37 9.24
C THR A 458 -14.16 -14.43 9.46
N VAL A 459 -14.61 -15.03 8.35
CA VAL A 459 -15.61 -16.09 8.30
C VAL A 459 -14.98 -17.49 8.47
N ARG A 460 -13.65 -17.60 8.26
CA ARG A 460 -12.89 -18.85 8.43
C ARG A 460 -12.54 -19.03 9.92
N GLY A 461 -12.28 -20.27 10.31
CA GLY A 461 -12.00 -20.62 11.70
C GLY A 461 -10.57 -20.40 12.16
N ASN A 462 -10.37 -20.50 13.50
CA ASN A 462 -9.08 -20.35 14.16
C ASN A 462 -8.20 -21.56 13.81
N PRO A 463 -6.96 -21.34 13.30
CA PRO A 463 -6.09 -22.46 12.95
C PRO A 463 -5.62 -23.27 14.17
N ASN A 464 -5.41 -22.58 15.31
CA ASN A 464 -4.99 -23.17 16.58
C ASN A 464 -6.11 -24.04 17.17
N THR A 465 -6.29 -25.23 16.60
CA THR A 465 -7.31 -26.20 17.00
C THR A 465 -7.12 -26.68 18.44
N GLU A 466 -5.86 -26.75 18.92
CA GLU A 466 -5.51 -27.22 20.26
C GLU A 466 -5.81 -26.22 21.40
N SER A 467 -5.40 -24.95 21.26
CA SER A 467 -5.59 -23.95 22.32
C SER A 467 -6.61 -22.84 22.00
N ALA A 468 -7.85 -23.24 21.63
CA ALA A 468 -8.95 -22.32 21.33
C ALA A 468 -10.31 -22.91 21.65
N ALA A 469 -11.23 -22.04 22.10
CA ALA A 469 -12.60 -22.41 22.44
C ALA A 469 -13.39 -22.75 21.18
N ALA A 470 -14.12 -23.88 21.20
CA ALA A 470 -14.91 -24.34 20.08
C ALA A 470 -16.41 -24.30 20.38
N LEU A 471 -17.21 -23.74 19.46
CA LEU A 471 -18.67 -23.65 19.59
C LEU A 471 -19.32 -24.50 18.50
N VAL A 472 -20.14 -25.48 18.91
CA VAL A 472 -20.84 -26.40 18.01
C VAL A 472 -22.28 -25.93 17.77
N ILE A 473 -22.64 -25.69 16.50
CA ILE A 473 -23.97 -25.20 16.12
C ILE A 473 -24.76 -26.19 15.26
N TYR A 474 -26.10 -26.17 15.39
CA TYR A 474 -27.00 -27.05 14.65
C TYR A 474 -27.72 -26.30 13.51
N LEU A 475 -27.17 -26.40 12.28
CA LEU A 475 -27.74 -25.74 11.10
C LEU A 475 -28.66 -26.68 10.31
N PRO A 476 -29.91 -26.27 10.06
CA PRO A 476 -31.01 -27.24 9.99
C PRO A 476 -31.27 -27.76 8.57
N GLU A 477 -31.95 -28.91 8.46
CA GLU A 477 -32.27 -29.54 7.19
C GLU A 477 -33.40 -28.83 6.45
N VAL A 478 -33.17 -28.49 5.16
CA VAL A 478 -34.12 -27.79 4.30
C VAL A 478 -34.79 -28.77 3.34
N PRO A 482 -30.94 -31.03 -1.43
CA PRO A 482 -30.01 -29.90 -1.47
C PRO A 482 -30.68 -28.60 -1.92
N VAL A 483 -30.30 -27.46 -1.31
CA VAL A 483 -30.88 -26.16 -1.63
C VAL A 483 -29.82 -25.09 -1.89
N TYR A 484 -29.66 -24.70 -3.16
CA TYR A 484 -28.70 -23.69 -3.60
C TYR A 484 -29.41 -22.36 -3.89
N PHE A 485 -28.69 -21.23 -3.75
CA PHE A 485 -29.18 -19.86 -3.98
C PHE A 485 -29.62 -19.65 -5.45
N PRO A 486 -30.76 -18.95 -5.73
CA PRO A 486 -31.19 -18.76 -7.13
C PRO A 486 -30.15 -18.14 -8.05
N ALA A 487 -30.10 -18.60 -9.32
CA ALA A 487 -29.15 -18.14 -10.34
C ALA A 487 -29.50 -16.73 -10.83
N LEU A 488 -28.52 -16.06 -11.50
CA LEU A 488 -28.66 -14.70 -12.08
C LEU A 488 -29.88 -14.60 -13.01
N GLU A 489 -30.17 -15.68 -13.77
CA GLU A 489 -31.30 -15.81 -14.69
C GLU A 489 -32.62 -15.73 -13.92
N LYS A 490 -32.69 -16.38 -12.73
CA LYS A 490 -33.87 -16.40 -11.86
C LYS A 490 -34.11 -15.06 -11.15
N ILE A 491 -33.03 -14.38 -10.70
CA ILE A 491 -33.07 -13.08 -10.01
C ILE A 491 -33.51 -11.97 -10.99
N LEU A 492 -32.95 -11.96 -12.21
CA LEU A 492 -33.29 -10.99 -13.26
C LEU A 492 -34.74 -11.18 -13.75
N GLU A 493 -35.27 -12.42 -13.63
CA GLU A 493 -36.64 -12.78 -14.00
C GLU A 493 -37.66 -12.33 -12.92
N LEU A 494 -37.16 -11.90 -11.75
CA LEU A 494 -37.95 -11.42 -10.60
C LEU A 494 -37.85 -9.89 -10.40
N GLY A 495 -36.76 -9.29 -10.87
CA GLY A 495 -36.50 -7.86 -10.76
C GLY A 495 -37.17 -7.03 -11.84
N LEU A 523 -29.36 9.63 5.71
CA LEU A 523 -30.64 9.95 5.09
C LEU A 523 -31.81 9.54 5.99
N TYR A 524 -32.86 10.38 6.05
CA TYR A 524 -34.08 10.15 6.85
C TYR A 524 -34.89 8.95 6.36
N GLU A 525 -35.92 8.55 7.14
CA GLU A 525 -36.81 7.43 6.81
C GLU A 525 -37.57 7.71 5.50
N HIS A 526 -38.16 8.92 5.37
CA HIS A 526 -38.90 9.33 4.16
C HIS A 526 -37.93 9.63 3.00
N GLU A 527 -36.69 10.10 3.31
CA GLU A 527 -35.63 10.41 2.35
C GLU A 527 -35.16 9.12 1.67
N LYS A 528 -35.01 8.02 2.46
CA LYS A 528 -34.61 6.71 1.97
C LYS A 528 -35.77 6.06 1.20
N ASP A 529 -37.03 6.36 1.59
CA ASP A 529 -38.25 5.87 0.94
C ASP A 529 -38.42 6.46 -0.45
N LEU A 530 -38.04 7.75 -0.62
CA LEU A 530 -38.11 8.47 -1.91
C LEU A 530 -36.98 8.04 -2.85
N VAL A 531 -35.81 7.64 -2.30
CA VAL A 531 -34.65 7.14 -3.06
C VAL A 531 -34.99 5.78 -3.68
N TRP A 532 -35.77 4.96 -2.95
CA TRP A 532 -36.22 3.65 -3.39
C TRP A 532 -37.33 3.75 -4.43
N LYS A 533 -38.18 4.82 -4.34
CA LYS A 533 -39.26 5.07 -5.29
C LYS A 533 -38.70 5.50 -6.65
N MET A 534 -37.69 6.39 -6.65
CA MET A 534 -37.04 6.88 -7.86
C MET A 534 -35.78 6.05 -8.22
N ARG A 535 -35.81 4.73 -7.91
CA ARG A 535 -34.74 3.76 -8.19
C ARG A 535 -34.45 3.62 -9.68
N HIS A 536 -35.50 3.60 -10.53
CA HIS A 536 -35.38 3.51 -11.99
C HIS A 536 -34.78 4.80 -12.53
N GLU A 537 -35.22 5.96 -11.97
CA GLU A 537 -34.72 7.29 -12.33
C GLU A 537 -33.27 7.45 -11.89
N VAL A 538 -32.88 6.80 -10.76
CA VAL A 538 -31.51 6.81 -10.21
C VAL A 538 -30.50 6.17 -11.16
N GLN A 539 -30.92 5.16 -11.94
CA GLN A 539 -30.09 4.46 -12.93
C GLN A 539 -29.86 5.34 -14.17
N GLU A 540 -30.91 6.04 -14.63
CA GLU A 540 -30.88 6.91 -15.81
C GLU A 540 -30.33 8.30 -15.51
N HIS A 541 -31.01 9.08 -14.64
CA HIS A 541 -30.65 10.46 -14.28
C HIS A 541 -29.34 10.65 -13.50
N PHE A 542 -29.14 9.93 -12.37
CA PHE A 542 -27.92 10.05 -11.54
C PHE A 542 -27.20 8.69 -11.32
N PRO A 543 -26.49 8.14 -12.33
CA PRO A 543 -25.84 6.83 -12.14
C PRO A 543 -24.74 6.74 -11.08
N GLU A 544 -24.12 7.88 -10.71
CA GLU A 544 -23.07 7.93 -9.68
C GLU A 544 -23.62 7.81 -8.25
N ALA A 545 -24.96 7.88 -8.07
CA ALA A 545 -25.67 7.77 -6.79
C ALA A 545 -25.91 6.33 -6.33
N LEU A 546 -25.46 5.32 -7.12
CA LEU A 546 -25.57 3.87 -6.88
C LEU A 546 -25.41 3.46 -5.40
N ALA A 547 -24.35 3.95 -4.75
CA ALA A 547 -24.02 3.68 -3.35
C ALA A 547 -25.13 4.11 -2.38
N ARG A 548 -25.73 5.31 -2.58
CA ARG A 548 -26.80 5.82 -1.73
C ARG A 548 -28.04 4.94 -1.83
N LEU A 549 -28.31 4.41 -3.05
CA LEU A 549 -29.42 3.48 -3.32
C LEU A 549 -29.13 2.10 -2.72
N LEU A 550 -27.85 1.66 -2.74
CA LEU A 550 -27.47 0.34 -2.19
C LEU A 550 -27.59 0.27 -0.66
N LEU A 551 -27.44 1.41 0.04
CA LEU A 551 -27.54 1.46 1.51
C LEU A 551 -29.00 1.62 1.96
N VAL A 552 -29.89 1.99 1.01
CA VAL A 552 -31.33 2.18 1.25
C VAL A 552 -32.11 0.89 0.93
N THR A 553 -31.57 0.00 0.07
CA THR A 553 -32.23 -1.26 -0.29
C THR A 553 -32.32 -2.24 0.86
N LYS A 554 -33.47 -2.93 0.96
CA LYS A 554 -33.77 -3.90 2.00
C LYS A 554 -33.15 -5.27 1.65
N TRP A 555 -31.99 -5.58 2.26
CA TRP A 555 -31.25 -6.82 2.06
C TRP A 555 -31.84 -7.97 2.87
N ASN A 556 -32.76 -7.64 3.79
CA ASN A 556 -33.47 -8.60 4.63
C ASN A 556 -34.76 -9.09 3.93
N LYS A 557 -35.05 -8.55 2.73
CA LYS A 557 -36.22 -8.90 1.91
C LYS A 557 -35.78 -9.22 0.48
N HIS A 558 -35.84 -10.52 0.13
CA HIS A 558 -35.42 -11.09 -1.17
C HIS A 558 -36.03 -10.42 -2.40
N GLU A 559 -37.29 -9.94 -2.30
CA GLU A 559 -38.02 -9.26 -3.38
C GLU A 559 -37.35 -7.93 -3.75
N ASP A 560 -36.89 -7.17 -2.73
CA ASP A 560 -36.22 -5.88 -2.90
C ASP A 560 -34.81 -6.04 -3.49
N VAL A 561 -34.09 -7.12 -3.11
CA VAL A 561 -32.74 -7.45 -3.59
C VAL A 561 -32.75 -7.71 -5.11
N ALA A 562 -33.73 -8.52 -5.59
CA ALA A 562 -33.94 -8.87 -7.00
C ALA A 562 -34.18 -7.64 -7.88
N GLN A 563 -34.95 -6.66 -7.36
CA GLN A 563 -35.25 -5.40 -8.07
C GLN A 563 -33.98 -4.54 -8.17
N MET A 564 -33.16 -4.51 -7.08
CA MET A 564 -31.91 -3.75 -7.03
C MET A 564 -30.87 -4.39 -7.96
N LEU A 565 -30.71 -5.73 -7.91
CA LEU A 565 -29.78 -6.50 -8.74
C LEU A 565 -30.09 -6.32 -10.23
N TYR A 566 -31.39 -6.27 -10.61
CA TYR A 566 -31.85 -6.05 -11.98
C TYR A 566 -31.35 -4.69 -12.51
N LEU A 567 -31.37 -3.64 -11.65
CA LEU A 567 -30.88 -2.30 -11.98
C LEU A 567 -29.35 -2.28 -12.11
N LEU A 568 -28.65 -3.12 -11.33
CA LEU A 568 -27.20 -3.22 -11.33
C LEU A 568 -26.64 -3.86 -12.62
N CYS A 569 -27.44 -4.72 -13.29
CA CYS A 569 -27.02 -5.37 -14.54
C CYS A 569 -27.05 -4.44 -15.74
N SER A 570 -27.99 -3.48 -15.74
CA SER A 570 -28.11 -2.48 -16.79
C SER A 570 -27.38 -1.18 -16.37
N TRP A 571 -26.85 -1.15 -15.12
CA TRP A 571 -26.13 -0.01 -14.56
C TRP A 571 -24.86 0.29 -15.36
N PRO A 572 -24.65 1.56 -15.77
CA PRO A 572 -23.43 1.88 -16.53
C PRO A 572 -22.19 1.92 -15.66
N GLU A 573 -21.02 1.60 -16.28
CA GLU A 573 -19.71 1.63 -15.62
C GLU A 573 -19.47 2.97 -14.94
N LEU A 574 -18.95 2.92 -13.70
CA LEU A 574 -18.68 4.10 -12.87
C LEU A 574 -17.20 4.50 -12.86
N PRO A 575 -16.85 5.78 -12.57
CA PRO A 575 -15.43 6.18 -12.52
C PRO A 575 -14.69 5.53 -11.34
N VAL A 576 -13.34 5.49 -11.43
CA VAL A 576 -12.44 4.90 -10.42
C VAL A 576 -12.75 5.33 -8.99
N LEU A 577 -13.02 6.64 -8.78
CA LEU A 577 -13.34 7.19 -7.46
C LEU A 577 -14.60 6.55 -6.84
N SER A 578 -15.67 6.41 -7.63
CA SER A 578 -16.94 5.81 -7.22
C SER A 578 -16.83 4.30 -6.94
N ALA A 579 -15.98 3.59 -7.70
CA ALA A 579 -15.75 2.15 -7.57
C ALA A 579 -14.98 1.80 -6.29
N LEU A 580 -14.08 2.70 -5.85
CA LEU A 580 -13.26 2.59 -4.63
C LEU A 580 -14.17 2.58 -3.40
N GLU A 581 -15.29 3.32 -3.45
CA GLU A 581 -16.30 3.40 -2.39
C GLU A 581 -17.04 2.07 -2.28
N LEU A 582 -17.43 1.49 -3.44
CA LEU A 582 -18.17 0.23 -3.54
C LEU A 582 -17.44 -1.00 -3.01
N LEU A 583 -16.09 -0.91 -2.88
CA LEU A 583 -15.21 -1.97 -2.37
C LEU A 583 -15.23 -2.09 -0.83
N ASP A 584 -15.90 -1.13 -0.14
CA ASP A 584 -16.03 -1.08 1.33
C ASP A 584 -16.86 -2.23 1.90
N PHE A 585 -16.77 -2.44 3.22
CA PHE A 585 -17.51 -3.49 3.93
C PHE A 585 -19.03 -3.21 3.97
N SER A 586 -19.41 -1.94 3.74
CA SER A 586 -20.80 -1.46 3.69
C SER A 586 -21.56 -2.02 2.47
N PHE A 587 -20.82 -2.60 1.49
CA PHE A 587 -21.37 -3.21 0.28
C PHE A 587 -20.81 -4.65 0.17
N PRO A 588 -21.40 -5.61 0.92
CA PRO A 588 -20.88 -6.97 0.92
C PRO A 588 -21.37 -7.87 -0.23
N ASP A 589 -22.37 -7.41 -1.02
CA ASP A 589 -22.92 -8.22 -2.11
C ASP A 589 -21.95 -8.53 -3.24
N CYS A 590 -21.90 -9.83 -3.61
CA CYS A 590 -21.06 -10.42 -4.65
C CYS A 590 -21.25 -9.76 -6.02
N TYR A 591 -22.50 -9.41 -6.37
CA TYR A 591 -22.84 -8.75 -7.63
C TYR A 591 -22.40 -7.28 -7.58
N VAL A 592 -22.68 -6.60 -6.44
CA VAL A 592 -22.29 -5.19 -6.20
C VAL A 592 -20.76 -5.09 -6.14
N GLY A 593 -20.12 -6.17 -5.66
CA GLY A 593 -18.66 -6.30 -5.57
C GLY A 593 -18.03 -6.45 -6.93
N SER A 594 -18.60 -7.34 -7.78
CA SER A 594 -18.16 -7.60 -9.16
C SER A 594 -18.32 -6.37 -10.06
N PHE A 595 -19.29 -5.49 -9.73
CA PHE A 595 -19.53 -4.23 -10.45
C PHE A 595 -18.36 -3.27 -10.24
N ALA A 596 -17.85 -3.19 -8.98
CA ALA A 596 -16.74 -2.33 -8.60
C ALA A 596 -15.45 -2.76 -9.29
N ILE A 597 -15.22 -4.08 -9.46
CA ILE A 597 -14.04 -4.61 -10.15
C ILE A 597 -14.04 -4.26 -11.64
N LYS A 598 -15.21 -4.39 -12.32
CA LYS A 598 -15.41 -4.06 -13.74
C LYS A 598 -15.16 -2.58 -14.01
N SER A 599 -15.43 -1.72 -12.99
CA SER A 599 -15.22 -0.27 -13.05
C SER A 599 -13.77 0.08 -12.68
N LEU A 600 -13.11 -0.78 -11.86
CA LEU A 600 -11.71 -0.60 -11.46
C LEU A 600 -10.72 -1.18 -12.50
N ARG A 601 -11.24 -1.85 -13.54
CA ARG A 601 -10.41 -2.39 -14.62
C ARG A 601 -9.81 -1.26 -15.46
N LYS A 602 -10.45 -0.07 -15.41
CA LYS A 602 -10.03 1.14 -16.12
C LYS A 602 -8.85 1.85 -15.43
N LEU A 603 -8.40 1.35 -14.25
CA LEU A 603 -7.26 1.91 -13.52
C LEU A 603 -5.97 1.75 -14.30
N THR A 604 -5.12 2.77 -14.24
CA THR A 604 -3.81 2.74 -14.86
C THR A 604 -2.89 2.01 -13.89
N ASP A 605 -1.76 1.48 -14.39
CA ASP A 605 -0.77 0.78 -13.56
C ASP A 605 -0.16 1.70 -12.50
N ASP A 606 -0.20 3.03 -12.71
CA ASP A 606 0.27 4.02 -11.74
C ASP A 606 -0.81 4.25 -10.68
N GLU A 607 -2.10 4.27 -11.09
CA GLU A 607 -3.24 4.44 -10.17
C GLU A 607 -3.45 3.20 -9.31
N LEU A 608 -3.36 2.00 -9.91
CA LEU A 608 -3.50 0.71 -9.23
C LEU A 608 -2.42 0.52 -8.15
N PHE A 609 -1.17 0.92 -8.45
CA PHE A 609 -0.04 0.86 -7.53
C PHE A 609 -0.26 1.80 -6.33
N GLN A 610 -0.85 2.98 -6.61
CA GLN A 610 -1.18 4.03 -5.63
C GLN A 610 -2.15 3.50 -4.55
N TYR A 611 -3.19 2.75 -4.97
CA TYR A 611 -4.21 2.20 -4.08
C TYR A 611 -4.00 0.69 -3.80
N LEU A 612 -2.82 0.14 -4.14
CA LEU A 612 -2.51 -1.27 -3.91
C LEU A 612 -2.62 -1.69 -2.45
N LEU A 613 -2.11 -0.87 -1.51
CA LEU A 613 -2.18 -1.17 -0.07
C LEU A 613 -3.62 -1.41 0.40
N GLN A 614 -4.57 -0.57 -0.05
CA GLN A 614 -5.99 -0.65 0.29
C GLN A 614 -6.64 -1.89 -0.29
N LEU A 615 -6.41 -2.15 -1.60
CA LEU A 615 -6.95 -3.31 -2.33
C LEU A 615 -6.50 -4.66 -1.74
N VAL A 616 -5.34 -4.69 -1.07
CA VAL A 616 -4.84 -5.89 -0.43
C VAL A 616 -5.60 -6.07 0.91
N GLN A 617 -5.81 -4.98 1.65
CA GLN A 617 -6.50 -5.00 2.93
C GLN A 617 -7.96 -5.42 2.82
N VAL A 618 -8.60 -5.08 1.67
CA VAL A 618 -9.99 -5.42 1.32
C VAL A 618 -10.17 -6.95 1.19
N LEU A 619 -9.09 -7.70 0.83
CA LEU A 619 -9.10 -9.17 0.74
C LEU A 619 -9.44 -9.82 2.10
N LYS A 620 -9.27 -9.08 3.21
CA LYS A 620 -9.58 -9.51 4.58
C LYS A 620 -11.11 -9.47 4.81
N TYR A 621 -11.83 -8.65 4.02
CA TYR A 621 -13.27 -8.48 4.07
C TYR A 621 -13.98 -9.57 3.25
N GLU A 622 -13.26 -10.21 2.30
CA GLU A 622 -13.77 -11.26 1.41
C GLU A 622 -14.23 -12.50 2.19
N SER A 623 -15.29 -13.15 1.66
CA SER A 623 -15.96 -14.31 2.23
C SER A 623 -15.44 -15.65 1.72
N TYR A 624 -15.06 -15.73 0.43
CA TYR A 624 -14.56 -16.96 -0.18
C TYR A 624 -13.16 -16.77 -0.75
N LEU A 625 -12.39 -17.86 -0.87
CA LEU A 625 -11.01 -17.79 -1.39
C LEU A 625 -10.92 -17.36 -2.85
N ASP A 626 -11.84 -17.87 -3.71
CA ASP A 626 -11.90 -17.52 -5.13
C ASP A 626 -12.84 -16.33 -5.32
N CYS A 627 -12.26 -15.13 -5.42
CA CYS A 627 -13.01 -13.89 -5.57
C CYS A 627 -12.49 -13.04 -6.73
N GLU A 628 -13.37 -12.17 -7.27
CA GLU A 628 -13.07 -11.27 -8.39
C GLU A 628 -11.89 -10.33 -8.13
N LEU A 629 -11.67 -9.94 -6.86
CA LEU A 629 -10.55 -9.08 -6.46
C LEU A 629 -9.22 -9.83 -6.57
N THR A 630 -9.19 -11.12 -6.11
CA THR A 630 -8.00 -11.99 -6.18
C THR A 630 -7.62 -12.21 -7.64
N LYS A 631 -8.61 -12.44 -8.52
CA LYS A 631 -8.39 -12.63 -9.94
C LYS A 631 -7.77 -11.37 -10.56
N PHE A 632 -8.37 -10.18 -10.27
CA PHE A 632 -7.93 -8.87 -10.76
C PHE A 632 -6.52 -8.49 -10.32
N LEU A 633 -6.21 -8.64 -9.01
CA LEU A 633 -4.90 -8.31 -8.43
C LEU A 633 -3.80 -9.22 -8.98
N LEU A 634 -4.10 -10.51 -9.12
CA LEU A 634 -3.20 -11.55 -9.65
C LEU A 634 -3.02 -11.40 -11.17
N GLY A 635 -4.06 -10.92 -11.85
CA GLY A 635 -4.04 -10.70 -13.29
C GLY A 635 -3.17 -9.51 -13.68
N ARG A 636 -3.26 -8.43 -12.88
CA ARG A 636 -2.50 -7.20 -13.08
C ARG A 636 -1.04 -7.35 -12.62
N ALA A 637 -0.81 -8.21 -11.59
CA ALA A 637 0.50 -8.52 -11.03
C ALA A 637 1.34 -9.35 -11.99
N LEU A 638 0.69 -10.18 -12.82
CA LEU A 638 1.36 -11.02 -13.81
C LEU A 638 1.51 -10.31 -15.16
N ALA A 639 0.97 -9.07 -15.24
CA ALA A 639 1.00 -8.19 -16.40
C ALA A 639 1.96 -6.99 -16.16
N ASN A 640 2.40 -6.79 -14.90
CA ASN A 640 3.32 -5.73 -14.47
C ASN A 640 4.19 -6.27 -13.34
N ARG A 641 5.51 -6.38 -13.58
CA ARG A 641 6.45 -6.91 -12.60
C ARG A 641 6.59 -6.08 -11.32
N LYS A 642 6.47 -4.74 -11.44
CA LYS A 642 6.50 -3.80 -10.31
C LYS A 642 5.26 -4.02 -9.43
N ILE A 643 4.05 -4.17 -10.06
CA ILE A 643 2.78 -4.42 -9.37
C ILE A 643 2.78 -5.79 -8.68
N GLY A 644 3.41 -6.77 -9.31
CA GLY A 644 3.56 -8.13 -8.79
C GLY A 644 4.57 -8.23 -7.68
N HIS A 645 5.58 -7.33 -7.69
CA HIS A 645 6.63 -7.25 -6.68
C HIS A 645 6.03 -6.80 -5.34
N PHE A 646 5.28 -5.68 -5.35
CA PHE A 646 4.66 -5.11 -4.16
C PHE A 646 3.46 -5.90 -3.69
N LEU A 647 2.76 -6.60 -4.60
CA LEU A 647 1.66 -7.46 -4.18
C LEU A 647 2.26 -8.61 -3.37
N PHE A 648 3.44 -9.11 -3.79
CA PHE A 648 4.14 -10.18 -3.07
C PHE A 648 4.44 -9.79 -1.62
N TRP A 649 5.09 -8.62 -1.43
CA TRP A 649 5.49 -8.11 -0.12
C TRP A 649 4.35 -7.75 0.80
N HIS A 650 3.24 -7.22 0.27
CA HIS A 650 2.06 -6.93 1.08
C HIS A 650 1.47 -8.25 1.63
N LEU A 651 1.47 -9.31 0.78
CA LEU A 651 0.98 -10.63 1.15
C LEU A 651 1.92 -11.35 2.11
N ARG A 652 3.23 -11.36 1.81
CA ARG A 652 4.29 -11.98 2.60
C ARG A 652 4.45 -11.36 4.01
N SER A 653 4.37 -10.02 4.11
CA SER A 653 4.50 -9.29 5.38
C SER A 653 3.40 -9.55 6.41
N GLU A 654 2.33 -10.29 6.06
CA GLU A 654 1.22 -10.61 6.95
C GLU A 654 1.00 -12.12 7.17
N MET A 655 2.03 -12.94 6.86
CA MET A 655 2.02 -14.40 7.04
C MET A 655 2.17 -14.83 8.50
N HIS A 656 2.44 -13.86 9.39
CA HIS A 656 2.55 -14.08 10.84
C HIS A 656 1.15 -13.99 11.45
N VAL A 657 0.23 -13.24 10.81
CA VAL A 657 -1.16 -13.06 11.22
C VAL A 657 -1.95 -14.31 10.81
N PRO A 658 -2.47 -15.10 11.77
CA PRO A 658 -3.17 -16.35 11.43
C PRO A 658 -4.44 -16.26 10.61
N SER A 659 -5.20 -15.16 10.77
CA SER A 659 -6.46 -14.95 10.06
C SER A 659 -6.32 -14.84 8.52
N VAL A 660 -5.21 -14.25 8.05
CA VAL A 660 -4.95 -14.04 6.62
C VAL A 660 -3.90 -14.99 6.02
N ALA A 661 -3.10 -15.68 6.86
CA ALA A 661 -2.04 -16.61 6.44
C ALA A 661 -2.43 -17.68 5.40
N LEU A 662 -3.68 -18.18 5.43
CA LEU A 662 -4.12 -19.17 4.44
C LEU A 662 -4.39 -18.50 3.09
N ARG A 663 -5.25 -17.45 3.08
CA ARG A 663 -5.60 -16.69 1.89
C ARG A 663 -4.32 -16.20 1.20
N PHE A 664 -3.55 -15.34 1.88
CA PHE A 664 -2.30 -14.72 1.43
C PHE A 664 -1.28 -15.73 0.91
N GLY A 665 -1.18 -16.88 1.60
CA GLY A 665 -0.30 -17.99 1.24
C GLY A 665 -0.65 -18.59 -0.11
N LEU A 666 -1.95 -18.83 -0.34
CA LEU A 666 -2.49 -19.40 -1.59
C LEU A 666 -2.33 -18.43 -2.77
N ILE A 667 -2.57 -17.12 -2.55
CA ILE A 667 -2.44 -16.06 -3.57
C ILE A 667 -0.98 -15.94 -4.07
N MET A 668 -0.02 -16.03 -3.12
CA MET A 668 1.43 -15.97 -3.40
C MET A 668 1.90 -17.22 -4.13
N GLU A 669 1.31 -18.41 -3.83
CA GLU A 669 1.63 -19.69 -4.46
C GLU A 669 1.20 -19.65 -5.94
N ALA A 670 -0.05 -19.21 -6.19
CA ALA A 670 -0.62 -19.07 -7.54
C ALA A 670 0.25 -18.12 -8.39
N TYR A 671 0.72 -16.99 -7.81
CA TYR A 671 1.59 -16.02 -8.48
C TYR A 671 2.91 -16.66 -8.93
N CYS A 672 3.52 -17.48 -8.04
CA CYS A 672 4.76 -18.21 -8.26
C CYS A 672 4.62 -19.20 -9.43
N ARG A 673 3.42 -19.79 -9.59
CA ARG A 673 3.10 -20.74 -10.68
C ARG A 673 3.05 -20.00 -12.01
N GLY A 674 2.81 -18.69 -11.96
CA GLY A 674 2.74 -17.82 -13.12
C GLY A 674 3.99 -17.00 -13.36
N SER A 675 4.97 -17.05 -12.42
CA SER A 675 6.24 -16.32 -12.53
C SER A 675 7.39 -17.02 -11.79
N THR A 676 8.00 -18.02 -12.46
CA THR A 676 9.09 -18.81 -11.90
C THR A 676 10.41 -18.04 -11.84
N HIS A 677 10.64 -17.09 -12.77
CA HIS A 677 11.87 -16.29 -12.75
C HIS A 677 11.83 -15.28 -11.60
N HIS A 678 10.73 -14.48 -11.50
CA HIS A 678 10.54 -13.49 -10.43
C HIS A 678 10.52 -14.13 -9.04
N MET A 679 10.06 -15.41 -8.95
CA MET A 679 10.05 -16.22 -7.73
C MET A 679 11.48 -16.30 -7.17
N LYS A 680 12.47 -16.61 -8.03
CA LYS A 680 13.88 -16.69 -7.66
C LYS A 680 14.45 -15.31 -7.30
N VAL A 681 13.92 -14.23 -7.93
CA VAL A 681 14.33 -12.83 -7.70
C VAL A 681 13.87 -12.40 -6.30
N LEU A 682 12.65 -12.80 -5.91
CA LEU A 682 12.08 -12.53 -4.59
C LEU A 682 12.78 -13.37 -3.52
N MET A 683 13.16 -14.63 -3.86
CA MET A 683 13.89 -15.56 -2.99
C MET A 683 15.20 -14.94 -2.54
N LYS A 684 15.90 -14.23 -3.44
CA LYS A 684 17.16 -13.54 -3.14
C LYS A 684 16.93 -12.41 -2.13
N GLN A 685 15.79 -11.69 -2.25
CA GLN A 685 15.39 -10.60 -1.34
C GLN A 685 15.10 -11.20 0.06
N GLY A 686 14.35 -12.30 0.09
CA GLY A 686 14.01 -13.04 1.31
C GLY A 686 15.23 -13.57 2.05
N GLU A 687 16.26 -14.01 1.28
CA GLU A 687 17.53 -14.51 1.84
C GLU A 687 18.33 -13.37 2.49
N ALA A 688 18.36 -12.18 1.85
CA ALA A 688 19.03 -10.99 2.38
C ALA A 688 18.39 -10.59 3.72
N LEU A 689 17.04 -10.53 3.77
CA LEU A 689 16.24 -10.17 4.96
C LEU A 689 16.34 -11.20 6.10
N SER A 690 16.69 -12.45 5.77
CA SER A 690 16.90 -13.53 6.73
C SER A 690 18.23 -13.26 7.45
N LYS A 691 19.29 -12.91 6.68
CA LYS A 691 20.62 -12.59 7.22
C LYS A 691 20.59 -11.25 7.99
N LEU A 692 19.73 -10.30 7.55
CA LEU A 692 19.56 -9.03 8.23
C LEU A 692 18.97 -9.19 9.64
N LYS A 693 17.93 -10.05 9.80
CA LYS A 693 17.33 -10.37 11.11
C LYS A 693 18.38 -11.04 12.01
N ALA A 694 19.15 -11.99 11.46
CA ALA A 694 20.21 -12.70 12.18
C ALA A 694 21.32 -11.74 12.64
N LEU A 695 21.68 -10.75 11.79
CA LEU A 695 22.70 -9.73 12.09
C LEU A 695 22.15 -8.70 13.09
N ASN A 696 20.86 -8.31 12.95
CA ASN A 696 20.22 -7.34 13.83
C ASN A 696 20.09 -7.85 15.25
N ASP A 697 19.77 -9.17 15.42
CA ASP A 697 19.66 -9.83 16.73
C ASP A 697 21.03 -9.85 17.43
N PHE A 698 22.11 -9.99 16.64
CA PHE A 698 23.47 -9.96 17.15
C PHE A 698 23.76 -8.54 17.63
N VAL A 699 23.36 -7.53 16.83
CA VAL A 699 23.52 -6.10 17.14
C VAL A 699 22.77 -5.77 18.43
N LYS A 700 21.52 -6.28 18.56
CA LYS A 700 20.66 -6.08 19.73
C LYS A 700 21.31 -6.63 21.01
N VAL A 701 21.84 -7.86 20.96
CA VAL A 701 22.51 -8.48 22.11
C VAL A 701 23.82 -7.77 22.49
N SER A 702 24.70 -7.50 21.50
CA SER A 702 26.01 -6.85 21.66
C SER A 702 25.96 -5.37 22.13
N SER A 703 24.99 -4.58 21.61
CA SER A 703 24.82 -3.16 21.97
C SER A 703 24.57 -2.94 23.48
N GLN A 704 23.95 -3.94 24.13
CA GLN A 704 23.66 -3.94 25.56
C GLN A 704 24.86 -4.45 26.39
N LYS A 705 25.98 -4.82 25.71
CA LYS A 705 27.17 -5.36 26.35
C LYS A 705 28.48 -4.60 26.13
N THR A 706 28.72 -4.05 24.92
CA THR A 706 29.95 -3.30 24.63
C THR A 706 29.73 -1.89 24.07
N THR A 707 30.86 -1.18 23.82
CA THR A 707 30.93 0.15 23.24
C THR A 707 30.49 0.10 21.76
N LYS A 708 29.87 1.19 21.23
CA LYS A 708 29.40 1.22 19.83
C LYS A 708 30.50 0.86 18.79
N PRO A 709 31.73 1.44 18.82
CA PRO A 709 32.73 1.04 17.82
C PRO A 709 33.05 -0.46 17.82
N GLN A 710 33.03 -1.11 19.01
CA GLN A 710 33.28 -2.55 19.15
C GLN A 710 32.17 -3.38 18.48
N THR A 711 30.89 -3.03 18.73
CA THR A 711 29.71 -3.69 18.13
C THR A 711 29.73 -3.53 16.60
N LYS A 712 30.04 -2.32 16.11
CA LYS A 712 30.11 -1.99 14.68
C LYS A 712 31.14 -2.86 13.99
N GLU A 713 32.34 -3.06 14.60
CA GLU A 713 33.40 -3.91 14.04
C GLU A 713 33.00 -5.39 14.04
N MET A 714 32.27 -5.82 15.09
CA MET A 714 31.75 -7.18 15.27
C MET A 714 30.69 -7.51 14.22
N MET A 715 29.91 -6.48 13.83
CA MET A 715 28.85 -6.53 12.83
C MET A 715 29.49 -6.71 11.43
N HIS A 716 30.55 -5.94 11.15
CA HIS A 716 31.34 -5.94 9.92
C HIS A 716 31.97 -7.31 9.69
N MET A 717 32.51 -7.92 10.75
CA MET A 717 33.15 -9.25 10.73
C MET A 717 32.13 -10.30 10.35
N CYS A 718 30.92 -10.21 10.94
CA CYS A 718 29.81 -11.11 10.66
C CYS A 718 29.38 -10.97 9.22
N MET A 719 29.29 -9.70 8.73
CA MET A 719 28.92 -9.35 7.36
C MET A 719 29.95 -9.87 6.36
N ARG A 720 31.24 -9.83 6.72
CA ARG A 720 32.34 -10.28 5.85
C ARG A 720 32.44 -11.78 5.62
N GLN A 721 31.54 -12.57 6.26
CA GLN A 721 31.45 -14.02 6.10
C GLN A 721 30.85 -14.33 4.73
N GLU A 722 31.38 -15.41 4.07
CA GLU A 722 30.97 -15.89 2.74
C GLU A 722 29.47 -16.10 2.64
N THR A 723 28.82 -16.55 3.73
CA THR A 723 27.38 -16.78 3.83
C THR A 723 26.61 -15.46 3.77
N TYR A 724 27.16 -14.41 4.41
CA TYR A 724 26.56 -13.08 4.49
C TYR A 724 26.80 -12.23 3.25
N MET A 725 28.08 -12.17 2.75
CA MET A 725 28.49 -11.42 1.56
C MET A 725 27.67 -11.82 0.33
N GLU A 726 27.41 -13.14 0.18
CA GLU A 726 26.64 -13.72 -0.93
C GLU A 726 25.19 -13.27 -0.87
N ALA A 727 24.52 -13.53 0.27
CA ALA A 727 23.11 -13.20 0.53
C ALA A 727 22.80 -11.71 0.49
N LEU A 728 23.71 -10.86 1.01
CA LEU A 728 23.50 -9.41 1.06
C LEU A 728 23.83 -8.66 -0.24
N SER A 729 24.52 -9.31 -1.21
CA SER A 729 24.91 -8.67 -2.47
C SER A 729 24.11 -9.15 -3.66
N HIS A 730 24.17 -8.37 -4.77
CA HIS A 730 23.53 -8.64 -6.06
C HIS A 730 22.05 -9.00 -5.99
N LEU A 731 21.23 -8.02 -5.62
CA LEU A 731 19.79 -8.20 -5.51
C LEU A 731 19.00 -6.94 -5.87
N GLN A 732 17.67 -7.07 -5.92
CA GLN A 732 16.76 -5.97 -6.18
C GLN A 732 16.27 -5.48 -4.84
N SER A 733 16.15 -4.17 -4.69
CA SER A 733 15.68 -3.59 -3.45
C SER A 733 14.20 -3.90 -3.25
N PRO A 734 13.80 -4.58 -2.14
CA PRO A 734 12.35 -4.82 -1.92
C PRO A 734 11.56 -3.51 -1.91
N LEU A 735 12.23 -2.38 -1.59
CA LEU A 735 11.66 -1.03 -1.61
C LEU A 735 11.44 -0.51 -3.05
N ASP A 736 12.37 -0.81 -3.97
CA ASP A 736 12.29 -0.41 -5.38
C ASP A 736 12.91 -1.48 -6.29
N PRO A 737 12.07 -2.25 -7.03
CA PRO A 737 12.64 -3.29 -7.92
C PRO A 737 13.54 -2.75 -9.04
N SER A 738 13.48 -1.44 -9.33
CA SER A 738 14.33 -0.79 -10.32
C SER A 738 15.68 -0.37 -9.69
N THR A 739 15.77 -0.39 -8.34
CA THR A 739 17.00 -0.09 -7.62
C THR A 739 17.69 -1.42 -7.37
N LEU A 740 18.94 -1.54 -7.86
CA LEU A 740 19.75 -2.76 -7.73
C LEU A 740 20.76 -2.63 -6.61
N LEU A 741 20.61 -3.46 -5.56
CA LEU A 741 21.53 -3.48 -4.42
C LEU A 741 22.70 -4.38 -4.82
N GLU A 742 23.70 -3.79 -5.50
CA GLU A 742 24.85 -4.53 -6.03
C GLU A 742 25.91 -4.96 -5.02
N GLU A 743 26.95 -4.13 -4.80
CA GLU A 743 28.03 -4.45 -3.86
C GLU A 743 27.76 -3.82 -2.50
N VAL A 744 27.79 -4.63 -1.41
CA VAL A 744 27.57 -4.12 -0.06
C VAL A 744 28.83 -3.45 0.50
N CYS A 745 28.70 -2.20 0.93
CA CYS A 745 29.82 -1.45 1.48
C CYS A 745 29.88 -1.58 3.01
N VAL A 746 30.33 -2.77 3.46
CA VAL A 746 30.51 -3.22 4.84
C VAL A 746 31.13 -2.16 5.75
N GLU A 747 32.19 -1.47 5.25
CA GLU A 747 32.89 -0.42 6.00
C GLU A 747 31.96 0.73 6.39
N GLN A 748 31.04 1.09 5.51
CA GLN A 748 30.10 2.18 5.75
C GLN A 748 28.79 1.74 6.46
N CYS A 749 28.66 0.43 6.74
CA CYS A 749 27.51 -0.16 7.43
C CYS A 749 27.63 -0.03 8.95
N THR A 750 26.51 0.26 9.61
CA THR A 750 26.42 0.45 11.07
C THR A 750 24.97 0.21 11.55
N PHE A 751 24.67 0.65 12.78
CA PHE A 751 23.36 0.53 13.37
C PHE A 751 22.99 1.84 14.05
N MET A 752 21.69 2.18 14.01
CA MET A 752 21.14 3.40 14.62
C MET A 752 20.88 3.18 16.12
N ASP A 753 21.15 4.22 16.94
CA ASP A 753 21.02 4.23 18.40
C ASP A 753 19.60 4.03 19.00
N SER A 754 18.52 4.17 18.19
CA SER A 754 17.12 3.98 18.57
C SER A 754 16.90 2.60 19.23
N LYS A 755 15.88 2.49 20.11
CA LYS A 755 15.51 1.32 20.91
C LYS A 755 15.73 -0.04 20.24
N MET A 756 15.20 -0.20 19.01
CA MET A 756 15.26 -1.45 18.22
C MET A 756 16.57 -1.65 17.46
N LYS A 757 17.59 -0.81 17.74
CA LYS A 757 18.93 -0.82 17.13
C LYS A 757 18.88 -1.09 15.58
N PRO A 758 18.15 -0.27 14.76
CA PRO A 758 18.05 -0.57 13.32
C PRO A 758 19.37 -0.55 12.57
N LEU A 759 19.45 -1.24 11.43
CA LEU A 759 20.70 -1.33 10.66
C LEU A 759 20.76 -0.37 9.50
N TRP A 760 21.92 0.27 9.37
CA TRP A 760 22.25 1.22 8.33
C TRP A 760 23.13 0.43 7.35
N ILE A 761 22.53 0.04 6.20
CA ILE A 761 23.21 -0.78 5.19
C ILE A 761 23.42 -0.03 3.89
N MET A 762 24.67 0.32 3.62
CA MET A 762 25.12 1.01 2.43
C MET A 762 25.46 0.04 1.30
N TYR A 763 25.23 0.47 0.05
CA TYR A 763 25.49 -0.27 -1.18
C TYR A 763 26.16 0.64 -2.22
N SER A 764 26.77 0.02 -3.27
CA SER A 764 27.40 0.72 -4.39
C SER A 764 27.42 -0.15 -5.63
N SER A 765 27.32 0.49 -6.80
CA SER A 765 27.37 -0.14 -8.11
C SER A 765 28.36 0.63 -8.98
N GLU A 766 29.30 -0.08 -9.62
CA GLU A 766 30.32 0.49 -10.50
C GLU A 766 29.68 1.03 -11.80
N GLU A 767 28.78 0.22 -12.41
CA GLU A 767 28.04 0.53 -13.64
C GLU A 767 27.14 1.78 -13.54
N ALA A 768 26.68 2.11 -12.31
CA ALA A 768 25.81 3.24 -12.03
C ALA A 768 26.52 4.50 -11.53
N GLY A 769 27.71 4.34 -10.94
CA GLY A 769 28.49 5.43 -10.37
C GLY A 769 27.85 5.96 -9.11
N SER A 770 27.60 7.29 -9.06
CA SER A 770 26.94 7.97 -7.92
C SER A 770 25.46 7.52 -7.72
N ALA A 771 24.82 6.97 -8.78
CA ALA A 771 23.43 6.49 -8.79
C ALA A 771 23.25 5.14 -8.06
N GLY A 772 24.32 4.35 -8.01
CA GLY A 772 24.33 3.04 -7.35
C GLY A 772 24.68 3.13 -5.87
N ASN A 773 25.13 4.32 -5.43
CA ASN A 773 25.48 4.62 -4.04
C ASN A 773 24.17 4.90 -3.39
N VAL A 774 23.58 3.83 -2.83
CA VAL A 774 22.25 3.80 -2.25
C VAL A 774 22.25 3.03 -0.90
N GLY A 775 21.30 3.34 -0.02
CA GLY A 775 21.20 2.70 1.29
C GLY A 775 19.82 2.20 1.68
N ILE A 776 19.77 1.27 2.66
CA ILE A 776 18.55 0.67 3.23
C ILE A 776 18.66 0.61 4.75
N ILE A 777 17.51 0.76 5.44
CA ILE A 777 17.43 0.68 6.90
C ILE A 777 16.59 -0.53 7.24
N PHE A 778 17.18 -1.50 7.94
CA PHE A 778 16.47 -2.69 8.36
C PHE A 778 16.05 -2.52 9.82
N LYS A 779 14.75 -2.62 10.09
CA LYS A 779 14.23 -2.50 11.45
C LYS A 779 13.33 -3.67 11.84
N ASN A 780 13.70 -4.34 12.95
CA ASN A 780 12.96 -5.46 13.55
C ASN A 780 12.49 -5.06 14.95
N GLY A 781 11.23 -5.32 15.25
CA GLY A 781 10.66 -5.03 16.55
C GLY A 781 9.47 -4.09 16.61
N ASP A 782 9.23 -3.29 15.54
CA ASP A 782 8.12 -2.32 15.47
C ASP A 782 7.20 -2.53 14.28
N ASP A 783 5.92 -2.13 14.41
CA ASP A 783 4.93 -2.22 13.35
C ASP A 783 5.16 -1.06 12.37
N LEU A 784 5.45 -1.39 11.09
CA LEU A 784 5.77 -0.43 10.04
C LEU A 784 4.61 -0.07 9.08
N ARG A 785 3.41 -0.61 9.36
CA ARG A 785 2.19 -0.42 8.57
C ARG A 785 1.67 1.01 8.57
N GLN A 786 1.64 1.67 9.75
CA GLN A 786 1.19 3.07 9.91
C GLN A 786 2.11 4.00 9.11
N ASP A 787 3.45 3.82 9.27
CA ASP A 787 4.48 4.59 8.56
C ASP A 787 4.33 4.43 7.05
N MET A 788 4.19 3.17 6.56
CA MET A 788 4.01 2.91 5.15
C MET A 788 2.77 3.65 4.63
N LEU A 789 1.63 3.54 5.35
CA LEU A 789 0.38 4.21 5.04
C LEU A 789 0.51 5.74 5.02
N THR A 790 1.13 6.32 6.06
CA THR A 790 1.33 7.78 6.19
C THR A 790 2.13 8.34 5.01
N LEU A 791 3.27 7.71 4.71
CA LEU A 791 4.16 8.09 3.61
C LEU A 791 3.49 8.01 2.25
N GLN A 792 2.67 6.96 2.03
CA GLN A 792 1.91 6.75 0.79
C GLN A 792 0.86 7.84 0.60
N MET A 793 0.23 8.30 1.70
CA MET A 793 -0.76 9.37 1.71
C MET A 793 -0.08 10.69 1.34
N ILE A 794 1.12 10.96 1.90
CA ILE A 794 1.96 12.13 1.62
C ILE A 794 2.40 12.10 0.14
N GLN A 795 2.64 10.90 -0.40
CA GLN A 795 3.02 10.67 -1.80
C GLN A 795 1.81 10.95 -2.72
N LEU A 796 0.60 10.60 -2.25
CA LEU A 796 -0.63 10.87 -3.00
C LEU A 796 -0.88 12.38 -2.99
N MET A 797 -0.58 13.04 -1.85
CA MET A 797 -0.70 14.50 -1.67
C MET A 797 0.19 15.16 -2.71
N ASP A 798 1.47 14.73 -2.79
CA ASP A 798 2.47 15.20 -3.74
C ASP A 798 2.03 15.02 -5.20
N VAL A 799 1.46 13.85 -5.54
CA VAL A 799 0.96 13.57 -6.89
C VAL A 799 -0.18 14.54 -7.28
N LEU A 800 -1.21 14.70 -6.42
CA LEU A 800 -2.36 15.58 -6.62
C LEU A 800 -1.96 17.06 -6.69
N TRP A 801 -0.93 17.44 -5.91
CA TRP A 801 -0.38 18.80 -5.90
C TRP A 801 0.30 19.05 -7.26
N LYS A 802 1.20 18.13 -7.69
CA LYS A 802 1.89 18.18 -8.98
C LYS A 802 0.89 18.25 -10.17
N GLN A 803 -0.24 17.50 -10.09
CA GLN A 803 -1.33 17.48 -11.09
C GLN A 803 -1.97 18.86 -11.31
N GLU A 804 -1.97 19.72 -10.26
CA GLU A 804 -2.47 21.11 -10.26
C GLU A 804 -1.29 22.10 -10.36
N GLY A 805 -0.18 21.62 -10.94
CA GLY A 805 1.06 22.36 -11.15
C GLY A 805 1.85 22.79 -9.93
N LEU A 806 1.54 22.23 -8.74
CA LEU A 806 2.21 22.58 -7.47
C LEU A 806 3.22 21.55 -7.01
N ASP A 807 4.51 21.82 -7.22
CA ASP A 807 5.59 20.92 -6.78
C ASP A 807 6.17 21.42 -5.44
N LEU A 808 5.76 20.80 -4.33
CA LEU A 808 6.24 21.21 -3.01
C LEU A 808 7.51 20.50 -2.57
N ARG A 809 8.30 20.00 -3.53
CA ARG A 809 9.60 19.35 -3.31
C ARG A 809 9.60 18.29 -2.18
N MET A 810 8.56 17.43 -2.16
CA MET A 810 8.36 16.39 -1.16
C MET A 810 9.41 15.26 -1.23
N THR A 811 9.72 14.65 -0.08
CA THR A 811 10.66 13.52 -0.02
C THR A 811 9.92 12.27 0.49
N PRO A 812 9.03 11.65 -0.34
CA PRO A 812 8.31 10.46 0.12
C PRO A 812 9.21 9.24 0.01
N TYR A 813 10.08 9.06 0.99
CA TYR A 813 11.02 7.93 1.03
C TYR A 813 10.25 6.63 1.22
N GLY A 814 10.78 5.55 0.66
CA GLY A 814 10.20 4.22 0.73
C GLY A 814 10.20 3.65 2.14
N CYS A 815 9.16 2.89 2.45
CA CYS A 815 8.97 2.21 3.74
C CYS A 815 8.11 1.00 3.46
N LEU A 816 8.72 -0.19 3.48
CA LEU A 816 8.00 -1.41 3.19
C LEU A 816 8.16 -2.51 4.26
N PRO A 817 7.07 -2.83 5.01
CA PRO A 817 7.12 -3.97 5.94
C PRO A 817 7.27 -5.28 5.14
N THR A 818 8.11 -6.21 5.61
CA THR A 818 8.38 -7.48 4.92
C THR A 818 8.14 -8.72 5.78
N GLY A 819 7.86 -8.51 7.07
CA GLY A 819 7.65 -9.61 8.02
C GLY A 819 7.10 -9.20 9.36
N ASP A 820 7.23 -10.10 10.36
CA ASP A 820 6.73 -9.87 11.72
C ASP A 820 7.49 -8.74 12.42
N ARG A 821 6.85 -7.55 12.49
CA ARG A 821 7.38 -6.30 13.07
C ARG A 821 8.75 -5.98 12.49
N THR A 822 8.93 -6.38 11.21
CA THR A 822 10.12 -6.27 10.39
C THR A 822 9.78 -5.47 9.14
N GLY A 823 10.76 -4.73 8.64
CA GLY A 823 10.62 -3.95 7.42
C GLY A 823 11.88 -3.25 6.99
N LEU A 824 11.79 -2.54 5.86
CA LEU A 824 12.86 -1.76 5.25
C LEU A 824 12.42 -0.32 5.05
N ILE A 825 13.37 0.61 5.24
CA ILE A 825 13.14 2.04 5.09
C ILE A 825 14.24 2.58 4.16
N GLU A 826 13.85 3.34 3.11
CA GLU A 826 14.79 3.91 2.14
C GLU A 826 15.66 4.99 2.79
N VAL A 827 16.98 4.96 2.52
CA VAL A 827 17.91 5.95 3.03
C VAL A 827 17.87 7.19 2.12
N VAL A 828 17.66 8.37 2.72
CA VAL A 828 17.70 9.62 1.98
C VAL A 828 19.13 10.10 2.19
N LEU A 829 19.98 9.97 1.16
CA LEU A 829 21.36 10.40 1.30
C LEU A 829 21.48 11.92 1.26
N HIS A 830 22.53 12.44 1.89
CA HIS A 830 22.84 13.86 1.98
C HIS A 830 21.78 14.61 2.79
N SER A 831 21.38 14.00 3.92
CA SER A 831 20.41 14.54 4.86
C SER A 831 20.91 14.37 6.30
N ASP A 832 20.41 15.22 7.21
CA ASP A 832 20.73 15.24 8.63
C ASP A 832 19.46 15.67 9.39
N THR A 833 19.43 15.49 10.72
CA THR A 833 18.27 15.91 11.53
C THR A 833 18.45 17.35 12.04
N ILE A 834 17.33 18.07 12.21
CA ILE A 834 17.28 19.43 12.76
C ILE A 834 18.01 19.41 14.12
N ALA A 835 17.80 18.34 14.90
CA ALA A 835 18.39 18.13 16.22
C ALA A 835 19.92 18.18 16.18
N ASN A 836 20.56 17.46 15.23
CA ASN A 836 22.01 17.41 15.07
C ASN A 836 22.59 18.72 14.52
N ILE A 837 21.80 19.47 13.75
CA ILE A 837 22.20 20.76 13.17
C ILE A 837 22.15 21.87 14.26
N GLN A 838 21.10 21.85 15.11
CA GLN A 838 20.92 22.80 16.19
C GLN A 838 21.92 22.59 17.34
N LEU A 839 22.31 21.32 17.59
CA LEU A 839 23.29 20.95 18.62
C LEU A 839 24.74 21.26 18.17
N ASN A 840 24.92 21.80 16.95
CA ASN A 840 26.20 22.16 16.32
C ASN A 840 27.11 20.94 16.10
N ALA A 848 27.77 29.57 15.04
CA ALA A 848 26.62 30.49 15.04
C ALA A 848 26.58 31.36 16.29
N ALA A 849 26.27 32.64 16.10
CA ALA A 849 26.14 33.62 17.19
C ALA A 849 24.89 33.29 18.01
N PHE A 850 23.80 32.91 17.32
CA PHE A 850 22.52 32.57 17.93
C PHE A 850 22.07 31.23 17.39
N ASN A 851 21.38 30.43 18.22
CA ASN A 851 20.87 29.12 17.83
C ASN A 851 19.95 29.21 16.59
N LYS A 852 19.20 30.33 16.43
CA LYS A 852 18.31 30.58 15.30
C LYS A 852 19.02 30.58 13.94
N ASP A 853 20.33 30.94 13.93
CA ASP A 853 21.17 31.00 12.73
C ASP A 853 21.72 29.63 12.28
N ALA A 854 21.78 28.63 13.18
CA ALA A 854 22.31 27.29 12.93
C ALA A 854 21.77 26.64 11.66
N LEU A 855 20.43 26.47 11.58
CA LEU A 855 19.71 25.89 10.45
C LEU A 855 20.04 26.60 9.13
N LEU A 856 20.12 27.93 9.17
CA LEU A 856 20.44 28.75 8.00
C LEU A 856 21.91 28.69 7.60
N ASN A 857 22.84 28.70 8.58
CA ASN A 857 24.28 28.64 8.36
C ASN A 857 24.69 27.31 7.73
N TRP A 858 23.94 26.22 8.04
CA TRP A 858 24.11 24.87 7.51
C TRP A 858 23.81 24.90 6.01
N LEU A 859 22.70 25.57 5.63
CA LEU A 859 22.28 25.73 4.24
C LEU A 859 23.22 26.66 3.47
N LYS A 860 23.92 27.57 4.17
CA LYS A 860 24.89 28.47 3.55
C LYS A 860 26.16 27.71 3.18
N SER A 861 26.55 26.68 3.97
CA SER A 861 27.73 25.86 3.73
C SER A 861 27.49 24.81 2.66
N LYS A 862 26.29 24.19 2.65
CA LYS A 862 25.86 23.17 1.71
C LYS A 862 25.35 23.79 0.38
N ASN A 863 25.14 25.13 0.37
CA ASN A 863 24.69 25.89 -0.81
C ASN A 863 25.37 27.28 -0.82
N PRO A 864 26.64 27.38 -1.25
CA PRO A 864 27.30 28.70 -1.25
C PRO A 864 26.94 29.54 -2.48
N GLY A 865 27.13 30.85 -2.33
CA GLY A 865 26.89 31.84 -3.38
C GLY A 865 25.45 31.97 -3.82
N GLU A 866 25.22 31.82 -5.14
CA GLU A 866 23.91 31.94 -5.79
C GLU A 866 22.92 30.84 -5.41
N ALA A 867 23.41 29.61 -5.15
CA ALA A 867 22.63 28.41 -4.80
C ALA A 867 21.76 28.48 -3.53
N LEU A 868 22.08 29.40 -2.58
CA LEU A 868 21.35 29.57 -1.32
C LEU A 868 19.87 29.93 -1.50
N ASP A 869 19.56 30.89 -2.40
CA ASP A 869 18.21 31.35 -2.70
C ASP A 869 17.30 30.22 -3.20
N ARG A 870 17.86 29.32 -4.04
CA ARG A 870 17.18 28.14 -4.57
C ARG A 870 16.87 27.18 -3.42
N ALA A 871 17.85 26.99 -2.50
CA ALA A 871 17.74 26.15 -1.31
C ALA A 871 16.75 26.68 -0.27
N ILE A 872 16.63 28.02 -0.10
CA ILE A 872 15.66 28.62 0.82
C ILE A 872 14.26 28.35 0.26
N GLU A 873 14.14 28.38 -1.09
CA GLU A 873 12.89 28.11 -1.78
C GLU A 873 12.51 26.63 -1.68
N GLU A 874 13.48 25.69 -1.89
CA GLU A 874 13.26 24.24 -1.75
C GLU A 874 12.76 23.93 -0.33
N PHE A 875 13.34 24.63 0.68
CA PHE A 875 13.00 24.53 2.10
C PHE A 875 11.56 25.01 2.30
N THR A 876 11.25 26.26 1.84
CA THR A 876 9.94 26.94 1.93
C THR A 876 8.80 26.04 1.45
N LEU A 877 8.95 25.46 0.23
CA LEU A 877 7.97 24.59 -0.43
C LEU A 877 7.77 23.29 0.33
N SER A 878 8.86 22.58 0.65
CA SER A 878 8.80 21.33 1.43
C SER A 878 8.24 21.56 2.84
N CYS A 879 8.52 22.73 3.46
CA CYS A 879 8.03 23.11 4.77
C CYS A 879 6.53 23.29 4.73
N ALA A 880 6.02 23.94 3.66
CA ALA A 880 4.59 24.18 3.41
C ALA A 880 3.89 22.87 3.17
N GLY A 881 4.53 22.02 2.35
CA GLY A 881 4.03 20.69 2.02
C GLY A 881 3.91 19.79 3.23
N TYR A 882 4.94 19.79 4.09
CA TYR A 882 4.94 18.97 5.29
C TYR A 882 4.11 19.52 6.42
N CYS A 883 3.85 20.84 6.42
CA CYS A 883 3.02 21.49 7.44
C CYS A 883 1.56 21.09 7.27
N VAL A 884 1.08 21.08 6.00
CA VAL A 884 -0.30 20.71 5.63
C VAL A 884 -0.47 19.19 5.85
N ALA A 885 0.47 18.37 5.33
CA ALA A 885 0.47 16.93 5.46
C ALA A 885 0.27 16.45 6.90
N THR A 886 1.01 17.03 7.84
CA THR A 886 0.94 16.69 9.27
C THR A 886 -0.36 17.17 9.90
N TYR A 887 -0.89 18.31 9.42
CA TYR A 887 -2.14 18.90 9.93
C TYR A 887 -3.36 18.11 9.47
N VAL A 888 -3.47 17.85 8.16
CA VAL A 888 -4.57 17.11 7.55
C VAL A 888 -4.66 15.66 8.09
N LEU A 889 -3.50 14.96 8.20
CA LEU A 889 -3.44 13.58 8.69
C LEU A 889 -3.41 13.47 10.22
N GLY A 890 -3.30 14.60 10.90
CA GLY A 890 -3.27 14.69 12.36
C GLY A 890 -2.07 14.07 13.02
N ILE A 891 -0.86 14.20 12.41
CA ILE A 891 0.38 13.68 12.97
C ILE A 891 0.90 14.64 14.02
N GLY A 892 1.06 14.11 15.23
CA GLY A 892 1.56 14.83 16.38
C GLY A 892 2.91 14.32 16.82
N ASP A 893 3.41 14.84 17.96
CA ASP A 893 4.71 14.50 18.56
C ASP A 893 5.85 14.73 17.56
N ARG A 894 5.84 15.90 16.93
CA ARG A 894 6.85 16.33 15.96
C ARG A 894 7.85 17.18 16.71
N HIS A 895 9.12 16.74 16.73
CA HIS A 895 10.23 17.41 17.40
C HIS A 895 11.46 17.47 16.49
N SER A 896 12.54 18.14 16.94
CA SER A 896 13.78 18.32 16.17
C SER A 896 14.47 17.01 15.73
N ASP A 897 14.19 15.89 16.41
CA ASP A 897 14.79 14.58 16.14
C ASP A 897 14.12 13.77 15.04
N ASN A 898 12.83 14.04 14.75
CA ASN A 898 12.09 13.34 13.69
C ASN A 898 11.78 14.21 12.46
N ILE A 899 12.53 15.31 12.32
CA ILE A 899 12.45 16.23 11.20
C ILE A 899 13.87 16.36 10.66
N MET A 900 14.01 16.11 9.35
CA MET A 900 15.28 16.14 8.63
C MET A 900 15.29 17.16 7.52
N ILE A 901 16.50 17.58 7.11
CA ILE A 901 16.73 18.46 5.98
C ILE A 901 17.80 17.90 5.08
N ARG A 902 17.53 17.91 3.78
CA ARG A 902 18.44 17.48 2.74
C ARG A 902 19.32 18.69 2.41
N GLU A 903 20.55 18.45 1.94
CA GLU A 903 21.50 19.55 1.61
C GLU A 903 20.97 20.50 0.52
N SER A 904 19.94 20.06 -0.23
CA SER A 904 19.25 20.83 -1.26
C SER A 904 18.36 21.90 -0.64
N GLY A 905 18.02 21.73 0.64
CA GLY A 905 17.13 22.60 1.40
C GLY A 905 15.84 21.90 1.76
N GLN A 906 15.51 20.83 1.02
CA GLN A 906 14.31 20.00 1.19
C GLN A 906 14.18 19.42 2.60
N LEU A 907 13.14 19.85 3.30
CA LEU A 907 12.75 19.45 4.64
C LEU A 907 11.78 18.30 4.51
N PHE A 908 11.95 17.28 5.34
CA PHE A 908 11.03 16.14 5.34
C PHE A 908 10.87 15.54 6.71
N HIS A 909 9.77 14.80 6.90
CA HIS A 909 9.43 14.18 8.17
C HIS A 909 9.67 12.67 8.17
N ILE A 910 10.10 12.14 9.33
CA ILE A 910 10.37 10.73 9.58
C ILE A 910 9.61 10.27 10.85
N ASP A 911 9.54 8.93 11.07
CA ASP A 911 8.88 8.27 12.21
C ASP A 911 7.45 8.74 12.45
N PHE A 912 6.51 8.24 11.64
CA PHE A 912 5.09 8.57 11.74
C PHE A 912 4.38 7.55 12.65
N GLY A 913 4.72 7.63 13.92
CA GLY A 913 4.17 6.74 14.95
C GLY A 913 2.73 7.04 15.33
N HIS A 914 2.36 8.34 15.38
CA HIS A 914 1.01 8.76 15.77
C HIS A 914 0.34 9.62 14.73
N PHE A 915 -0.91 9.28 14.36
CA PHE A 915 -1.73 10.01 13.38
C PHE A 915 -3.22 10.08 13.78
N LEU A 916 -4.01 10.90 13.05
CA LEU A 916 -5.44 11.14 13.27
C LEU A 916 -5.78 11.54 14.73
N GLY A 917 -4.96 12.45 15.27
CA GLY A 917 -5.06 13.00 16.61
C GLY A 917 -4.99 11.99 17.73
N ASN A 918 -3.97 11.11 17.69
CA ASN A 918 -3.73 10.05 18.69
C ASN A 918 -2.28 10.07 19.16
N ARG A 929 -7.30 16.96 19.06
CA ARG A 929 -7.07 17.42 17.69
C ARG A 929 -5.71 18.12 17.54
N VAL A 930 -4.88 17.62 16.61
CA VAL A 930 -3.55 18.18 16.33
C VAL A 930 -3.69 19.46 15.51
N PRO A 931 -3.35 20.64 16.08
CA PRO A 931 -3.51 21.89 15.31
C PRO A 931 -2.33 22.17 14.37
N PHE A 932 -2.46 23.20 13.51
CA PHE A 932 -1.40 23.60 12.59
C PHE A 932 -0.17 24.03 13.39
N ILE A 933 1.03 23.68 12.92
CA ILE A 933 2.26 24.01 13.63
C ILE A 933 3.26 24.80 12.79
N LEU A 934 3.81 25.87 13.38
CA LEU A 934 4.81 26.73 12.73
C LEU A 934 6.02 26.97 13.65
N THR A 935 7.14 26.25 13.39
CA THR A 935 8.35 26.39 14.19
C THR A 935 9.11 27.63 13.75
N TYR A 936 9.46 28.51 14.72
CA TYR A 936 10.20 29.75 14.47
C TYR A 936 11.57 29.49 13.82
N ASP A 937 12.11 28.26 14.00
CA ASP A 937 13.38 27.82 13.43
C ASP A 937 13.29 27.70 11.91
N PHE A 938 12.11 27.26 11.39
CA PHE A 938 11.82 27.15 9.96
C PHE A 938 11.36 28.49 9.38
N VAL A 939 10.59 29.27 10.17
CA VAL A 939 10.10 30.61 9.82
C VAL A 939 11.28 31.55 9.58
N HIS A 940 12.36 31.41 10.39
CA HIS A 940 13.59 32.20 10.28
C HIS A 940 14.29 31.93 8.93
N VAL A 941 14.22 30.67 8.44
CA VAL A 941 14.81 30.24 7.17
C VAL A 941 13.95 30.79 6.01
N ILE A 942 12.62 30.61 6.09
CA ILE A 942 11.65 31.11 5.10
C ILE A 942 11.91 32.62 4.91
N GLN A 943 12.08 33.36 6.04
CA GLN A 943 12.33 34.80 6.09
C GLN A 943 13.75 35.23 5.68
N GLN A 944 14.57 34.31 5.10
CA GLN A 944 15.95 34.55 4.62
C GLN A 944 16.89 35.11 5.69
N GLY A 945 16.56 34.89 6.97
CA GLY A 945 17.33 35.38 8.10
C GLY A 945 16.73 36.59 8.78
N LYS A 946 16.06 37.46 8.00
CA LYS A 946 15.40 38.70 8.43
C LYS A 946 14.35 38.49 9.52
N THR A 947 14.20 39.48 10.43
CA THR A 947 13.27 39.45 11.57
C THR A 947 11.80 39.64 11.16
N ASN A 948 11.55 40.52 10.16
CA ASN A 948 10.21 40.81 9.67
C ASN A 948 10.16 40.84 8.12
N ASN A 949 10.11 39.64 7.49
CA ASN A 949 10.05 39.47 6.04
C ASN A 949 8.67 38.97 5.59
N SER A 950 7.70 39.89 5.49
CA SER A 950 6.31 39.61 5.08
C SER A 950 6.21 39.09 3.64
N GLU A 951 7.09 39.57 2.74
CA GLU A 951 7.16 39.17 1.34
C GLU A 951 7.39 37.65 1.24
N LYS A 952 8.47 37.14 1.86
CA LYS A 952 8.81 35.71 1.84
C LYS A 952 7.84 34.86 2.66
N PHE A 953 7.54 35.26 3.92
CA PHE A 953 6.62 34.51 4.78
C PHE A 953 5.22 34.31 4.18
N GLU A 954 4.66 35.36 3.56
CA GLU A 954 3.32 35.29 2.96
C GLU A 954 3.23 34.48 1.67
N ARG A 955 4.37 34.30 0.96
CA ARG A 955 4.46 33.43 -0.22
C ARG A 955 4.22 32.02 0.32
N PHE A 956 4.83 31.71 1.48
CA PHE A 956 4.70 30.46 2.22
C PHE A 956 3.26 30.20 2.68
N ARG A 957 2.53 31.25 3.18
CA ARG A 957 1.12 31.09 3.57
C ARG A 957 0.32 30.65 2.34
N GLY A 958 0.60 31.29 1.20
CA GLY A 958 0.02 30.99 -0.11
C GLY A 958 0.18 29.53 -0.49
N TYR A 959 1.39 28.98 -0.36
CA TYR A 959 1.65 27.56 -0.67
C TYR A 959 0.79 26.64 0.20
N CYS A 960 0.79 26.84 1.55
CA CYS A 960 -0.01 26.07 2.51
C CYS A 960 -1.49 26.07 2.12
N GLU A 961 -2.03 27.27 1.79
CA GLU A 961 -3.40 27.51 1.38
C GLU A 961 -3.72 26.79 0.08
N ARG A 962 -2.83 26.92 -0.93
CA ARG A 962 -2.98 26.28 -2.26
C ARG A 962 -3.01 24.76 -2.10
N ALA A 963 -2.03 24.22 -1.35
CA ALA A 963 -1.86 22.80 -1.03
C ALA A 963 -3.07 22.24 -0.29
N TYR A 964 -3.61 22.99 0.70
CA TYR A 964 -4.78 22.61 1.50
C TYR A 964 -6.06 22.56 0.64
N THR A 965 -6.24 23.55 -0.26
CA THR A 965 -7.38 23.61 -1.18
C THR A 965 -7.35 22.51 -2.26
N ILE A 966 -6.15 22.08 -2.69
CA ILE A 966 -5.99 21.00 -3.67
C ILE A 966 -6.45 19.67 -3.02
N LEU A 967 -5.98 19.39 -1.80
CA LEU A 967 -6.34 18.19 -1.05
C LEU A 967 -7.83 18.13 -0.75
N ARG A 968 -8.43 19.28 -0.38
CA ARG A 968 -9.86 19.43 -0.07
C ARG A 968 -10.75 18.93 -1.20
N ARG A 969 -10.37 19.21 -2.47
CA ARG A 969 -11.09 18.79 -3.68
C ARG A 969 -11.12 17.28 -3.80
N HIS A 970 -9.98 16.62 -3.51
CA HIS A 970 -9.83 15.18 -3.53
C HIS A 970 -10.09 14.59 -2.14
N GLY A 971 -10.74 15.37 -1.27
CA GLY A 971 -11.09 14.96 0.08
C GLY A 971 -11.72 13.57 0.14
N LEU A 972 -12.66 13.29 -0.79
CA LEU A 972 -13.35 12.00 -0.91
C LEU A 972 -12.37 10.86 -1.23
N LEU A 973 -11.33 11.14 -2.05
CA LEU A 973 -10.32 10.12 -2.39
C LEU A 973 -9.65 9.59 -1.11
N PHE A 974 -9.17 10.49 -0.24
CA PHE A 974 -8.53 10.16 1.03
C PHE A 974 -9.50 9.45 1.98
N LEU A 975 -10.76 9.96 2.09
CA LEU A 975 -11.81 9.36 2.93
C LEU A 975 -12.20 7.96 2.48
N HIS A 976 -12.29 7.72 1.15
CA HIS A 976 -12.62 6.42 0.56
C HIS A 976 -11.50 5.42 0.74
N LEU A 977 -10.24 5.90 0.70
CA LEU A 977 -9.04 5.07 0.86
C LEU A 977 -8.80 4.70 2.32
N PHE A 978 -9.03 5.67 3.23
CA PHE A 978 -8.93 5.47 4.66
C PHE A 978 -10.04 4.55 5.15
N ALA A 979 -11.22 4.60 4.50
CA ALA A 979 -12.38 3.76 4.80
C ALA A 979 -12.04 2.28 4.54
N LEU A 980 -11.40 2.00 3.38
CA LEU A 980 -10.97 0.64 3.00
C LEU A 980 -9.86 0.14 3.92
N MET A 981 -9.03 1.08 4.44
CA MET A 981 -7.92 0.80 5.36
C MET A 981 -8.36 0.39 6.78
N ARG A 982 -9.67 0.47 7.09
CA ARG A 982 -10.21 0.04 8.39
C ARG A 982 -10.05 -1.49 8.55
N ALA A 983 -9.88 -2.19 7.41
CA ALA A 983 -9.69 -3.62 7.28
C ALA A 983 -8.36 -4.08 7.89
N ALA A 984 -7.33 -3.22 7.83
CA ALA A 984 -5.96 -3.49 8.30
C ALA A 984 -5.80 -3.79 9.79
N GLY A 985 -6.71 -3.28 10.62
CA GLY A 985 -6.67 -3.46 12.06
C GLY A 985 -5.56 -2.66 12.71
N LEU A 986 -5.35 -1.42 12.22
CA LEU A 986 -4.36 -0.47 12.71
C LEU A 986 -4.94 0.15 13.99
N PRO A 987 -4.24 0.10 15.16
CA PRO A 987 -4.84 0.64 16.40
C PRO A 987 -5.32 2.11 16.37
N GLU A 988 -4.71 2.96 15.52
CA GLU A 988 -5.08 4.37 15.38
C GLU A 988 -6.09 4.59 14.23
N LEU A 989 -6.50 3.50 13.55
CA LEU A 989 -7.47 3.52 12.46
C LEU A 989 -8.39 2.29 12.57
N SER A 990 -9.42 2.37 13.45
CA SER A 990 -10.33 1.25 13.70
C SER A 990 -11.83 1.61 13.69
N CYS A 991 -12.19 2.77 14.26
CA CYS A 991 -13.58 3.24 14.37
C CYS A 991 -13.92 4.38 13.40
N SER A 992 -15.14 4.95 13.55
CA SER A 992 -15.66 6.06 12.75
C SER A 992 -15.03 7.40 13.17
N LYS A 993 -14.68 7.55 14.47
CA LYS A 993 -14.08 8.77 15.05
C LYS A 993 -12.72 9.13 14.42
N ASP A 994 -11.91 8.11 14.07
CA ASP A 994 -10.61 8.28 13.42
C ASP A 994 -10.81 8.77 11.97
N ILE A 995 -11.86 8.27 11.29
CA ILE A 995 -12.22 8.65 9.92
C ILE A 995 -12.91 10.02 9.90
N GLN A 996 -13.53 10.40 11.04
CA GLN A 996 -14.21 11.69 11.21
C GLN A 996 -13.18 12.80 11.37
N TYR A 997 -11.95 12.46 11.85
CA TYR A 997 -10.85 13.41 12.02
C TYR A 997 -10.47 14.00 10.66
N LEU A 998 -10.35 13.14 9.63
CA LEU A 998 -10.03 13.54 8.26
C LEU A 998 -11.12 14.43 7.66
N LYS A 999 -12.39 14.23 8.08
CA LYS A 999 -13.53 15.03 7.62
C LYS A 999 -13.47 16.43 8.22
N ASP A 1000 -13.03 16.54 9.49
CA ASP A 1000 -12.90 17.82 10.20
C ASP A 1000 -11.66 18.59 9.76
N SER A 1001 -10.51 17.89 9.59
CA SER A 1001 -9.25 18.51 9.15
C SER A 1001 -9.36 19.04 7.71
N LEU A 1002 -10.03 18.29 6.81
CA LEU A 1002 -10.24 18.72 5.43
C LEU A 1002 -11.48 19.62 5.26
N ALA A 1003 -12.30 19.78 6.32
CA ALA A 1003 -13.53 20.59 6.36
C ALA A 1003 -14.43 20.36 5.12
N LEU A 1004 -14.73 19.06 4.86
CA LEU A 1004 -15.51 18.57 3.72
C LEU A 1004 -16.89 19.23 3.51
N GLY A 1005 -17.64 19.39 4.60
CA GLY A 1005 -18.97 19.99 4.60
C GLY A 1005 -19.00 21.46 4.23
N LYS A 1006 -18.10 22.26 4.84
CA LYS A 1006 -18.00 23.71 4.62
C LYS A 1006 -17.63 24.09 3.17
N THR A 1007 -17.99 25.32 2.76
CA THR A 1007 -17.71 25.89 1.44
C THR A 1007 -16.21 26.20 1.34
N GLU A 1008 -15.62 26.16 0.13
CA GLU A 1008 -14.20 26.45 -0.08
C GLU A 1008 -13.78 27.80 0.54
N GLU A 1009 -14.63 28.84 0.40
CA GLU A 1009 -14.39 30.16 0.97
C GLU A 1009 -14.40 30.11 2.51
N GLU A 1010 -15.38 29.40 3.07
CA GLU A 1010 -15.56 29.24 4.51
C GLU A 1010 -14.49 28.35 5.13
N ALA A 1011 -14.03 27.31 4.39
CA ALA A 1011 -12.98 26.39 4.84
C ALA A 1011 -11.58 27.02 4.78
N LEU A 1012 -11.34 27.93 3.81
CA LEU A 1012 -10.07 28.65 3.66
C LEU A 1012 -9.84 29.62 4.84
N LYS A 1013 -10.94 30.23 5.34
CA LYS A 1013 -10.92 31.14 6.49
C LYS A 1013 -10.66 30.36 7.78
N HIS A 1014 -11.28 29.16 7.92
CA HIS A 1014 -11.11 28.28 9.09
C HIS A 1014 -9.64 27.86 9.19
N PHE A 1015 -9.00 27.61 8.03
CA PHE A 1015 -7.59 27.27 7.93
C PHE A 1015 -6.75 28.52 8.24
N ARG A 1016 -7.22 29.71 7.79
CA ARG A 1016 -6.54 30.99 8.05
C ARG A 1016 -6.48 31.32 9.54
N VAL A 1017 -7.50 30.91 10.32
CA VAL A 1017 -7.54 31.12 11.76
C VAL A 1017 -6.52 30.19 12.46
N LYS A 1018 -6.47 28.89 12.05
CA LYS A 1018 -5.55 27.89 12.57
C LYS A 1018 -4.08 28.20 12.23
N PHE A 1019 -3.82 28.71 10.99
CA PHE A 1019 -2.49 29.11 10.52
C PHE A 1019 -1.98 30.29 11.33
N ASN A 1020 -2.85 31.30 11.58
CA ASN A 1020 -2.52 32.49 12.38
C ASN A 1020 -2.26 32.12 13.84
N GLU A 1021 -3.05 31.15 14.38
CA GLU A 1021 -2.89 30.63 15.74
C GLU A 1021 -1.58 29.87 15.88
N ALA A 1022 -1.09 29.28 14.78
CA ALA A 1022 0.18 28.55 14.74
C ALA A 1022 1.36 29.54 14.76
N LEU A 1023 1.19 30.71 14.12
CA LEU A 1023 2.17 31.79 14.06
C LEU A 1023 2.33 32.42 15.45
N ARG A 1024 1.21 32.67 16.16
CA ARG A 1024 1.17 33.23 17.52
C ARG A 1024 1.80 32.26 18.52
N GLU A 1025 1.62 30.93 18.28
CA GLU A 1025 2.18 29.84 19.08
C GLU A 1025 3.71 29.78 18.97
N SER A 1026 4.30 30.32 17.89
CA SER A 1026 5.74 30.38 17.67
C SER A 1026 6.32 31.53 18.53
N TRP A 1027 6.73 31.20 19.78
CA TRP A 1027 7.29 32.10 20.81
C TRP A 1027 6.40 33.30 21.12
C2 6CY B . 24.33 6.37 10.55
C41 6CY B . 13.75 6.69 8.97
C42 6CY B . 12.37 6.95 8.88
C45 6CY B . 11.89 5.24 10.46
C46 6CY B . 13.26 4.94 10.57
C47 6CY B . 14.18 5.66 9.81
C49 6CY B . 13.77 3.90 11.42
C52 6CY B . 10.14 3.55 10.59
C56 6CY B . 25.94 7.40 8.98
C58 6CY B . 26.40 8.40 7.93
C12 6CY B . 23.63 8.37 9.16
C15 6CY B . 21.49 7.72 11.96
C17 6CY B . 20.24 8.48 11.56
C18 6CY B . 19.77 8.37 10.24
C20 6CY B . 18.60 9.01 9.82
C21 6CY B . 17.88 9.77 10.77
C23 6CY B . 18.33 9.86 12.10
C25 6CY B . 19.49 9.20 12.51
C27 6CY B . 18.18 8.95 8.39
C29 6CY B . 18.84 9.50 6.17
N1 6CY B . 24.67 7.39 9.54
C5 6CY B . 23.87 7.11 11.84
N8 6CY B . 22.74 7.94 11.41
C9 6CY B . 23.02 9.02 10.43
O16 6CY B . 21.29 6.85 12.79
N28 6CY B . 19.07 9.47 7.50
N31 6CY B . 17.69 9.00 5.67
C32 6CY B . 16.76 8.47 6.49
C33 6CY B . 16.96 8.42 7.90
C34 6CY B . 15.96 7.85 8.70
C36 6CY B . 14.76 7.38 8.14
C37 6CY B . 14.59 7.40 6.73
C39 6CY B . 15.57 7.98 5.92
N44 6CY B . 11.49 6.25 9.64
N50 6CY B . 14.20 3.08 12.10
O51 6CY B . 10.97 4.53 11.24
O57 6CY B . 26.82 6.61 9.29
#